data_6OHQ
#
_entry.id   6OHQ
#
_cell.length_a   90.227
_cell.length_b   131.517
_cell.length_c   106.414
_cell.angle_alpha   90.000
_cell.angle_beta   112.050
_cell.angle_gamma   90.000
#
_symmetry.space_group_name_H-M   'C 1 2 1'
#
loop_
_entity.id
_entity.type
_entity.pdbx_description
1 polymer 'Phospholipase D2'
2 non-polymer 4-fluoro-N-{(2S)-1-[4-(2-oxo-2,3-dihydro-1H-benzimidazol-1-yl)piperidin-1-yl]propan-2-yl}benzamide
3 non-polymer 'SULFATE ION'
4 water water
#
_entity_poly.entity_id   1
_entity_poly.type   'polypeptide(L)'
_entity_poly.pdbx_seq_one_letter_code
;SSYRQARWWAQEITELAQGPGRDFLQLHRHDSYAPPRPGTLARWFVNGAGYFAAVADAILRAQEEIFITDWWLSPEVYLK
RPAHSDDWRLDIMLKRKAEEGVRVSILLFKEVELALGINSGYSKRALMLLHPNIKVMRHPDQVTLWAHHEKLLVVDQVVA
FLGGLDLAYGRWDDLHYRLTDLGDSSESAASQPPTPRPDSPATPDLSHNQFFWLGKDYSNLITKDWVQLDRPFEDFIDRE
TTPRMPWRDVGVVVHGLPARDLARHFIQRWNFTKTTKAKYKTPTYPYLLPKSTSTANQLPFTLPGGQCTTVQVLRSVDRW
SAGTLENSILNAYLHTIRESQHFLYIENQFFISCSDGRTVLNKVGDEIVDRILKAHKQGWCYRVYVLLPLLPGFEGDIST
GGGNSIQAILHFTYRTLCRGEYSILHRLKAAMGTAWRDYISICGLRTHGELGGHPVSELIYIHSKVLIADDRTVIIGSAN
INDRSLLGKRDSELAVLIEDTETEPSLMNGAEYQAGRFALSLRKHCFGVILGANTRPDLDLRDPICDDFFQLWQDMAESN
ANIYEQIFRCLPSNATRSLRTLREYVAVEPLATVSPPLARSELTQVQGHLVHFPLKFLEDESLLPPLGSKEGMIPLEVWT
;
_entity_poly.pdbx_strand_id   A,B
#
loop_
_chem_comp.id
_chem_comp.type
_chem_comp.name
_chem_comp.formula
MKA non-polymer 4-fluoro-N-{(2S)-1-[4-(2-oxo-2,3-dihydro-1H-benzimidazol-1-yl)piperidin-1-yl]propan-2-yl}benzamide 'C22 H25 F N4 O2'
SO4 non-polymer 'SULFATE ION' 'O4 S -2'
#
# COMPACT_ATOMS: atom_id res chain seq x y z
N ARG A 22 25.07 -6.12 2.79
CA ARG A 22 23.90 -6.37 1.97
C ARG A 22 23.56 -5.17 1.10
N ASP A 23 22.86 -5.42 0.00
CA ASP A 23 22.67 -4.43 -1.06
C ASP A 23 21.37 -3.66 -0.85
N PHE A 24 21.01 -2.84 -1.84
CA PHE A 24 19.85 -1.96 -1.76
C PHE A 24 19.07 -1.99 -3.06
N LEU A 25 18.97 -3.17 -3.69
CA LEU A 25 18.10 -3.35 -4.83
C LEU A 25 16.71 -3.83 -4.44
N GLN A 26 16.57 -4.45 -3.27
CA GLN A 26 15.34 -5.04 -2.80
C GLN A 26 14.92 -4.38 -1.48
N LEU A 27 13.61 -4.27 -1.27
CA LEU A 27 13.16 -3.88 0.06
C LEU A 27 13.32 -5.07 1.01
N HIS A 28 13.45 -4.76 2.29
CA HIS A 28 13.83 -5.77 3.27
C HIS A 28 12.77 -5.95 4.35
N ARG A 29 13.17 -6.46 5.52
CA ARG A 29 12.21 -6.71 6.59
C ARG A 29 11.50 -5.41 6.96
N HIS A 30 10.20 -5.54 7.22
CA HIS A 30 9.31 -4.40 7.49
C HIS A 30 9.25 -3.43 6.31
N ASP A 31 9.56 -3.92 5.11
CA ASP A 31 9.58 -3.11 3.89
C ASP A 31 10.58 -1.96 4.01
N SER A 32 11.73 -2.24 4.62
CA SER A 32 12.76 -1.24 4.84
C SER A 32 13.79 -1.28 3.72
N TYR A 33 14.31 -0.10 3.37
CA TYR A 33 15.39 -0.05 2.38
C TYR A 33 16.67 -0.70 2.90
N ALA A 34 16.86 -0.70 4.22
CA ALA A 34 18.04 -1.27 4.84
C ALA A 34 17.72 -2.61 5.50
N PRO A 35 18.61 -3.58 5.37
CA PRO A 35 18.40 -4.86 6.04
C PRO A 35 18.89 -4.82 7.47
N PRO A 36 18.48 -5.78 8.31
CA PRO A 36 19.02 -5.85 9.67
C PRO A 36 20.53 -6.08 9.64
N ARG A 37 21.25 -5.32 10.45
CA ARG A 37 22.70 -5.42 10.53
C ARG A 37 23.10 -6.08 11.84
N PRO A 38 23.36 -7.39 11.85
CA PRO A 38 23.81 -8.05 13.09
C PRO A 38 25.20 -7.58 13.48
N GLY A 39 25.54 -7.85 14.74
CA GLY A 39 26.84 -7.46 15.26
C GLY A 39 27.10 -5.97 15.30
N THR A 40 26.04 -5.16 15.32
CA THR A 40 26.19 -3.72 15.36
C THR A 40 26.43 -3.26 16.80
N LEU A 41 27.40 -2.37 16.97
CA LEU A 41 27.70 -1.77 18.27
C LEU A 41 26.86 -0.50 18.42
N ALA A 42 25.85 -0.55 19.27
CA ALA A 42 24.91 0.55 19.44
C ALA A 42 24.87 0.97 20.90
N ARG A 43 24.61 2.25 21.12
CA ARG A 43 24.51 2.82 22.47
C ARG A 43 23.40 3.84 22.50
N TRP A 44 22.60 3.81 23.57
CA TRP A 44 21.48 4.73 23.73
C TRP A 44 21.88 5.92 24.60
N PHE A 45 21.13 7.00 24.44
CA PHE A 45 21.33 8.23 25.20
C PHE A 45 19.99 8.74 25.69
N VAL A 46 19.85 8.92 27.00
CA VAL A 46 18.70 9.58 27.58
C VAL A 46 19.10 11.02 27.90
N ASN A 47 18.28 11.97 27.46
CA ASN A 47 18.52 13.41 27.62
C ASN A 47 19.68 13.88 26.77
N GLY A 48 19.67 15.17 26.43
CA GLY A 48 20.64 15.71 25.47
C GLY A 48 22.04 15.88 26.01
N ALA A 49 22.25 15.70 27.31
CA ALA A 49 23.56 15.89 27.90
C ALA A 49 24.59 14.95 27.29
N GLY A 50 24.42 13.64 27.52
CA GLY A 50 25.36 12.67 26.97
C GLY A 50 25.31 12.60 25.46
N TYR A 51 24.14 12.87 24.88
CA TYR A 51 24.01 12.83 23.42
C TYR A 51 24.84 13.93 22.76
N PHE A 52 24.66 15.18 23.20
CA PHE A 52 25.42 16.27 22.60
C PHE A 52 26.91 16.15 22.91
N ALA A 53 27.26 15.57 24.05
CA ALA A 53 28.67 15.37 24.36
C ALA A 53 29.29 14.32 23.44
N ALA A 54 28.59 13.20 23.23
CA ALA A 54 29.10 12.17 22.34
C ALA A 54 29.15 12.67 20.90
N VAL A 55 28.17 13.48 20.49
CA VAL A 55 28.20 14.07 19.16
C VAL A 55 29.43 14.95 18.99
N ALA A 56 29.78 15.73 20.03
CA ALA A 56 30.97 16.56 19.96
C ALA A 56 32.23 15.71 19.79
N ASP A 57 32.29 14.57 20.47
CA ASP A 57 33.45 13.69 20.33
C ASP A 57 33.52 13.09 18.94
N ALA A 58 32.36 12.76 18.35
CA ALA A 58 32.36 12.23 16.99
C ALA A 58 32.75 13.29 15.98
N ILE A 59 32.22 14.51 16.15
CA ILE A 59 32.59 15.61 15.25
C ILE A 59 34.10 15.85 15.31
N LEU A 60 34.68 15.77 16.52
CA LEU A 60 36.09 16.08 16.68
C LEU A 60 36.98 15.10 15.95
N ARG A 61 36.53 13.86 15.75
CA ARG A 61 37.35 12.84 15.12
C ARG A 61 36.92 12.55 13.69
N ALA A 62 36.12 13.42 13.08
CA ALA A 62 35.79 13.26 11.67
C ALA A 62 37.02 13.49 10.80
N GLN A 63 37.18 12.65 9.78
CA GLN A 63 38.30 12.76 8.85
C GLN A 63 37.91 13.11 7.44
N GLU A 64 36.66 12.86 7.03
CA GLU A 64 36.27 13.07 5.65
C GLU A 64 34.96 13.84 5.53
N GLU A 65 33.89 13.31 6.11
CA GLU A 65 32.55 13.85 5.88
C GLU A 65 31.78 13.93 7.19
N ILE A 66 30.83 14.87 7.24
CA ILE A 66 29.85 14.96 8.31
C ILE A 66 28.50 15.24 7.66
N PHE A 67 27.54 14.34 7.87
CA PHE A 67 26.19 14.48 7.34
C PHE A 67 25.26 14.91 8.46
N ILE A 68 24.52 16.00 8.24
CA ILE A 68 23.64 16.57 9.25
C ILE A 68 22.27 16.77 8.64
N THR A 69 21.25 16.21 9.27
CA THR A 69 19.87 16.59 9.02
C THR A 69 19.26 17.05 10.32
N ASP A 70 18.50 18.14 10.26
CA ASP A 70 17.92 18.75 11.45
C ASP A 70 16.64 19.46 11.06
N TRP A 71 15.57 19.17 11.80
CA TRP A 71 14.36 19.98 11.70
C TRP A 71 14.61 21.40 12.19
N TRP A 72 15.47 21.55 13.19
CA TRP A 72 15.90 22.87 13.65
C TRP A 72 17.34 22.77 14.13
N LEU A 73 18.21 23.58 13.54
CA LEU A 73 19.61 23.67 13.93
C LEU A 73 19.88 25.08 14.42
N SER A 74 20.21 25.21 15.70
CA SER A 74 20.66 26.48 16.25
C SER A 74 22.19 26.45 16.26
N PRO A 75 22.87 27.28 15.47
CA PRO A 75 24.32 27.10 15.34
C PRO A 75 25.10 27.38 16.61
N GLU A 76 24.66 28.34 17.42
CA GLU A 76 25.41 28.74 18.60
C GLU A 76 25.20 27.82 19.81
N VAL A 77 24.54 26.67 19.62
CA VAL A 77 24.35 25.74 20.73
C VAL A 77 25.69 25.11 21.11
N TYR A 78 25.90 24.92 22.40
CA TYR A 78 27.08 24.24 22.92
C TYR A 78 26.74 22.77 23.16
N LEU A 79 27.62 21.88 22.71
CA LEU A 79 27.44 20.46 22.94
C LEU A 79 27.91 20.03 24.33
N LYS A 80 28.67 20.87 25.02
CA LYS A 80 29.13 20.59 26.37
C LYS A 80 28.90 21.83 27.23
N ARG A 81 28.51 21.62 28.49
CA ARG A 81 28.17 22.68 29.41
C ARG A 81 28.99 22.56 30.70
N PRO A 82 29.30 23.68 31.37
CA PRO A 82 28.96 25.05 30.97
C PRO A 82 29.90 25.61 29.90
N ALA A 83 29.45 26.66 29.21
CA ALA A 83 30.22 27.24 28.12
C ALA A 83 31.22 28.24 28.70
N HIS A 84 32.51 27.89 28.64
CA HIS A 84 33.57 28.76 29.10
C HIS A 84 34.29 29.49 27.97
N SER A 85 34.18 29.00 26.75
CA SER A 85 34.95 29.51 25.63
C SER A 85 34.11 29.34 24.36
N ASP A 86 34.77 29.40 23.20
CA ASP A 86 34.14 29.05 21.95
C ASP A 86 34.24 27.57 21.63
N ASP A 87 35.10 26.84 22.35
CA ASP A 87 35.17 25.40 22.18
C ASP A 87 33.89 24.73 22.67
N TRP A 88 33.52 23.64 22.00
CA TRP A 88 32.33 22.84 22.18
C TRP A 88 31.08 23.53 21.62
N ARG A 89 31.17 24.76 21.15
CA ARG A 89 30.06 25.35 20.41
C ARG A 89 29.93 24.68 19.05
N LEU A 90 28.69 24.39 18.65
CA LEU A 90 28.46 23.58 17.47
C LEU A 90 29.05 24.23 16.22
N ASP A 91 28.64 25.47 15.93
CA ASP A 91 29.09 26.11 14.70
C ASP A 91 30.59 26.35 14.71
N ILE A 92 31.19 26.49 15.89
CA ILE A 92 32.64 26.61 15.96
C ILE A 92 33.30 25.27 15.70
N MET A 93 32.79 24.19 16.33
CA MET A 93 33.35 22.86 16.12
C MET A 93 33.26 22.45 14.66
N LEU A 94 32.10 22.65 14.03
CA LEU A 94 31.95 22.29 12.62
C LEU A 94 32.87 23.13 11.75
N LYS A 95 33.09 24.38 12.14
CA LYS A 95 34.04 25.22 11.42
C LYS A 95 35.47 24.74 11.61
N ARG A 96 35.78 24.14 12.76
CA ARG A 96 37.14 23.66 12.99
C ARG A 96 37.43 22.38 12.21
N LYS A 97 36.43 21.52 12.01
CA LYS A 97 36.63 20.33 11.19
C LYS A 97 36.62 20.66 9.70
N ALA A 98 35.77 21.60 9.30
CA ALA A 98 35.59 21.88 7.88
C ALA A 98 36.89 22.32 7.22
N GLU A 99 37.75 23.00 7.95
CA GLU A 99 38.94 23.55 7.30
C GLU A 99 40.16 22.70 7.54
N GLU A 100 40.03 21.60 8.28
CA GLU A 100 40.99 20.52 8.19
C GLU A 100 40.77 19.69 6.94
N GLY A 101 39.75 20.03 6.14
CA GLY A 101 39.43 19.31 4.94
C GLY A 101 38.16 18.48 4.99
N VAL A 102 37.42 18.53 6.10
CA VAL A 102 36.22 17.69 6.25
C VAL A 102 35.05 18.37 5.55
N ARG A 103 34.31 17.59 4.75
CA ARG A 103 33.15 18.09 4.02
C ARG A 103 31.92 17.94 4.90
N VAL A 104 31.32 19.07 5.27
CA VAL A 104 30.13 19.10 6.11
C VAL A 104 28.94 19.40 5.21
N SER A 105 28.07 18.43 5.06
CA SER A 105 26.85 18.56 4.27
C SER A 105 25.65 18.55 5.20
N ILE A 106 24.81 19.58 5.11
CA ILE A 106 23.72 19.78 6.06
C ILE A 106 22.41 19.93 5.29
N LEU A 107 21.37 19.25 5.74
CA LEU A 107 20.02 19.41 5.22
C LEU A 107 19.14 19.93 6.34
N LEU A 108 18.58 21.12 6.15
CA LEU A 108 17.74 21.76 7.15
C LEU A 108 16.32 21.92 6.62
N PHE A 109 15.34 21.68 7.48
CA PHE A 109 13.94 21.84 7.08
C PHE A 109 13.63 23.31 6.86
N LYS A 110 13.09 23.63 5.68
CA LYS A 110 12.71 25.00 5.35
C LYS A 110 11.29 25.24 5.85
N GLU A 111 11.15 26.15 6.79
CA GLU A 111 9.90 26.43 7.48
C GLU A 111 8.89 27.11 6.57
N VAL A 112 7.78 27.52 7.17
CA VAL A 112 6.89 28.55 6.61
C VAL A 112 6.81 29.64 7.67
N GLU A 113 7.68 30.64 7.57
CA GLU A 113 7.77 31.70 8.57
C GLU A 113 6.46 32.46 8.74
N LEU A 116 5.77 29.19 11.58
CA LEU A 116 6.84 28.75 12.48
C LEU A 116 7.80 29.89 12.78
N GLY A 117 8.75 29.63 13.68
CA GLY A 117 9.75 30.62 14.02
C GLY A 117 11.14 30.04 14.21
N ILE A 118 11.41 28.89 13.59
CA ILE A 118 12.73 28.28 13.73
C ILE A 118 13.79 29.04 12.96
N ASN A 119 13.39 29.82 11.95
CA ASN A 119 14.29 30.70 11.21
C ASN A 119 15.47 29.93 10.61
N SER A 120 15.14 29.02 9.69
CA SER A 120 16.18 28.23 9.04
C SER A 120 17.06 29.10 8.15
N GLY A 121 16.59 30.27 7.73
CA GLY A 121 17.41 31.16 6.92
C GLY A 121 18.63 31.66 7.67
N TYR A 122 18.46 32.01 8.95
CA TYR A 122 19.62 32.43 9.74
C TYR A 122 20.55 31.27 10.01
N SER A 123 19.99 30.09 10.30
CA SER A 123 20.82 28.91 10.52
C SER A 123 21.63 28.57 9.27
N LYS A 124 21.00 28.61 8.10
CA LYS A 124 21.69 28.25 6.87
C LYS A 124 22.76 29.26 6.52
N ARG A 125 22.42 30.55 6.57
CA ARG A 125 23.40 31.58 6.20
C ARG A 125 24.55 31.63 7.21
N ALA A 126 24.28 31.30 8.47
CA ALA A 126 25.36 31.27 9.46
C ALA A 126 26.24 30.06 9.27
N LEU A 127 25.64 28.91 8.92
CA LEU A 127 26.43 27.69 8.75
C LEU A 127 27.33 27.77 7.54
N MET A 128 26.83 28.35 6.44
CA MET A 128 27.63 28.49 5.23
C MET A 128 28.64 29.63 5.32
N LEU A 129 28.46 30.55 6.27
CA LEU A 129 29.43 31.61 6.51
C LEU A 129 30.67 31.12 7.24
N LEU A 130 30.61 29.93 7.84
CA LEU A 130 31.72 29.46 8.68
C LEU A 130 32.91 29.03 7.85
N HIS A 131 32.67 28.28 6.77
CA HIS A 131 33.75 27.78 5.92
C HIS A 131 33.16 27.38 4.59
N PRO A 132 33.91 27.53 3.49
CA PRO A 132 33.39 27.07 2.19
C PRO A 132 33.22 25.57 2.10
N ASN A 133 33.80 24.79 3.02
CA ASN A 133 33.61 23.34 3.06
C ASN A 133 32.31 22.94 3.74
N ILE A 134 31.47 23.89 4.13
CA ILE A 134 30.19 23.61 4.78
C ILE A 134 29.08 24.05 3.84
N LYS A 135 28.30 23.08 3.36
CA LYS A 135 27.23 23.34 2.40
C LYS A 135 25.90 22.92 2.99
N VAL A 136 24.92 23.80 2.92
CA VAL A 136 23.60 23.58 3.51
C VAL A 136 22.54 23.75 2.43
N MET A 137 21.61 22.80 2.35
CA MET A 137 20.46 22.90 1.47
C MET A 137 19.18 22.88 2.31
N ARG A 138 18.25 23.76 1.96
CA ARG A 138 16.98 23.87 2.68
C ARG A 138 15.86 23.28 1.83
N HIS A 139 14.95 22.55 2.50
CA HIS A 139 13.87 21.87 1.82
C HIS A 139 12.71 21.74 2.79
N PRO A 140 11.46 21.85 2.33
CA PRO A 140 11.07 22.11 0.94
C PRO A 140 10.89 23.60 0.62
N ASP A 141 10.79 23.92 -0.66
CA ASP A 141 10.54 25.30 -1.08
C ASP A 141 9.07 25.57 -1.33
N GLN A 142 8.31 24.57 -1.76
CA GLN A 142 6.90 24.75 -2.06
C GLN A 142 6.08 24.76 -0.78
N VAL A 143 4.87 25.30 -0.89
CA VAL A 143 3.95 25.34 0.25
C VAL A 143 3.47 23.92 0.55
N THR A 144 3.64 23.49 1.79
CA THR A 144 3.19 22.17 2.20
C THR A 144 2.98 22.16 3.71
N LEU A 145 2.11 21.26 4.16
CA LEU A 145 1.87 21.11 5.59
C LEU A 145 2.89 20.20 6.27
N TRP A 146 3.64 19.42 5.49
CA TRP A 146 4.57 18.44 6.03
C TRP A 146 5.99 18.99 6.11
N ALA A 147 6.83 18.29 6.85
CA ALA A 147 8.15 18.79 7.20
C ALA A 147 9.18 17.67 7.14
N HIS A 148 10.45 18.06 7.17
CA HIS A 148 11.57 17.14 7.32
C HIS A 148 11.89 17.06 8.81
N HIS A 149 11.57 15.94 9.44
CA HIS A 149 11.62 15.84 10.90
C HIS A 149 12.77 15.03 11.44
N GLU A 150 13.44 14.22 10.63
CA GLU A 150 14.47 13.34 11.14
C GLU A 150 15.68 14.12 11.65
N LYS A 151 16.27 13.63 12.73
CA LYS A 151 17.48 14.20 13.31
C LYS A 151 18.58 13.16 13.18
N LEU A 152 19.64 13.50 12.45
CA LEU A 152 20.72 12.55 12.21
C LEU A 152 22.02 13.31 12.00
N LEU A 153 23.10 12.76 12.56
CA LEU A 153 24.45 13.21 12.29
C LEU A 153 25.31 11.98 12.04
N VAL A 154 25.95 11.93 10.87
CA VAL A 154 26.82 10.81 10.50
C VAL A 154 28.22 11.36 10.27
N VAL A 155 29.20 10.70 10.88
CA VAL A 155 30.61 11.03 10.72
C VAL A 155 31.26 9.92 9.91
N ASP A 156 31.78 10.28 8.73
CA ASP A 156 32.57 9.36 7.90
C ASP A 156 31.80 8.07 7.57
N GLN A 157 30.47 8.15 7.61
CA GLN A 157 29.58 7.04 7.23
C GLN A 157 29.86 5.79 8.07
N VAL A 158 30.29 5.96 9.32
CA VAL A 158 30.64 4.84 10.19
C VAL A 158 30.02 5.05 11.56
N VAL A 159 29.91 6.31 11.98
CA VAL A 159 29.27 6.67 13.25
C VAL A 159 28.06 7.55 12.95
N ALA A 160 26.89 7.13 13.41
CA ALA A 160 25.64 7.82 13.10
C ALA A 160 24.82 8.01 14.36
N PHE A 161 24.40 9.26 14.59
CA PHE A 161 23.52 9.61 15.70
C PHE A 161 22.13 9.91 15.18
N LEU A 162 21.12 9.44 15.91
CA LEU A 162 19.74 9.74 15.55
C LEU A 162 18.86 9.58 16.79
N GLY A 163 17.61 9.97 16.64
CA GLY A 163 16.65 9.95 17.73
C GLY A 163 15.72 11.13 17.62
N GLY A 164 15.34 11.69 18.75
CA GLY A 164 14.46 12.84 18.82
C GLY A 164 15.15 14.16 19.13
N LEU A 165 16.47 14.18 19.24
CA LEU A 165 17.20 15.37 19.67
C LEU A 165 17.68 16.15 18.45
N ASP A 166 17.18 17.37 18.30
CA ASP A 166 17.72 18.32 17.35
C ASP A 166 18.82 19.14 18.00
N LEU A 167 19.83 19.50 17.22
CA LEU A 167 20.93 20.35 17.71
C LEU A 167 20.42 21.79 17.77
N ALA A 168 19.57 22.04 18.76
CA ALA A 168 18.84 23.29 18.85
C ALA A 168 18.65 23.66 20.32
N TYR A 169 18.10 24.85 20.55
CA TYR A 169 17.94 25.37 21.90
C TYR A 169 16.90 24.58 22.68
N GLY A 170 17.11 24.49 23.99
CA GLY A 170 16.18 23.85 24.89
C GLY A 170 16.26 22.35 24.97
N ARG A 171 17.07 21.70 24.13
CA ARG A 171 17.14 20.25 24.12
C ARG A 171 18.10 19.71 25.18
N TRP A 172 19.14 20.46 25.52
CA TRP A 172 20.14 19.97 26.46
C TRP A 172 19.57 19.90 27.86
N ASP A 173 19.70 18.73 28.48
CA ASP A 173 19.21 18.49 29.84
C ASP A 173 19.88 17.24 30.37
N ASP A 174 19.77 17.04 31.68
CA ASP A 174 20.34 15.87 32.33
C ASP A 174 19.32 15.33 33.34
N LEU A 175 19.78 14.39 34.18
CA LEU A 175 18.90 13.77 35.16
C LEU A 175 18.36 14.77 36.17
N HIS A 176 19.09 15.87 36.39
CA HIS A 176 18.67 16.85 37.40
C HIS A 176 17.37 17.54 37.01
N TYR A 177 17.17 17.79 35.71
CA TYR A 177 16.01 18.52 35.20
C TYR A 177 15.86 19.85 35.92
N ARG A 178 16.93 20.65 35.89
CA ARG A 178 16.98 21.90 36.61
C ARG A 178 15.91 22.86 36.10
N LEU A 179 15.16 23.45 37.03
CA LEU A 179 14.16 24.46 36.69
C LEU A 179 14.74 25.87 36.63
N THR A 180 15.92 26.08 37.22
CA THR A 180 16.55 27.39 37.26
C THR A 180 17.97 27.30 36.72
N ASP A 181 18.51 28.48 36.36
CA ASP A 181 19.87 28.60 35.84
C ASP A 181 20.38 29.99 36.29
N LEU A 182 20.74 30.07 37.57
CA LEU A 182 21.17 31.33 38.16
C LEU A 182 22.63 31.35 38.58
N GLY A 183 23.23 30.19 38.86
CA GLY A 183 24.62 30.14 39.26
C GLY A 183 24.83 29.54 40.64
N ASP A 205 32.30 37.73 27.11
CA ASP A 205 33.10 37.19 28.18
C ASP A 205 32.45 36.02 28.84
N LEU A 206 32.77 34.82 28.35
CA LEU A 206 32.31 33.55 28.91
C LEU A 206 33.27 32.96 29.92
N SER A 207 34.26 33.73 30.37
CA SER A 207 35.31 33.16 31.19
C SER A 207 34.78 32.69 32.54
N HIS A 208 33.93 33.48 33.18
CA HIS A 208 33.49 33.20 34.54
C HIS A 208 32.00 32.91 34.65
N ASN A 209 31.30 32.76 33.53
CA ASN A 209 29.87 32.45 33.57
C ASN A 209 29.66 31.00 34.01
N GLN A 210 28.54 30.78 34.71
CA GLN A 210 28.20 29.44 35.19
C GLN A 210 26.77 29.07 34.83
N PHE A 211 26.21 29.67 33.77
CA PHE A 211 24.88 29.31 33.30
C PHE A 211 24.97 28.09 32.39
N PHE A 212 24.07 27.13 32.59
CA PHE A 212 24.03 25.96 31.71
C PHE A 212 23.33 26.28 30.40
N TRP A 213 22.27 27.09 30.44
CA TRP A 213 21.51 27.48 29.26
C TRP A 213 21.70 28.98 29.05
N LEU A 214 22.44 29.35 28.00
CA LEU A 214 22.75 30.73 27.73
C LEU A 214 21.75 31.34 26.76
N GLY A 215 21.20 32.48 27.14
CA GLY A 215 20.38 33.27 26.22
C GLY A 215 19.15 32.52 25.76
N LYS A 216 19.05 32.29 24.45
CA LYS A 216 17.90 31.62 23.86
C LYS A 216 17.81 30.16 24.26
N ASP A 217 18.84 29.60 24.88
CA ASP A 217 18.77 28.20 25.33
C ASP A 217 17.93 28.04 26.58
N TYR A 218 17.87 29.06 27.43
CA TYR A 218 16.98 29.04 28.60
C TYR A 218 15.56 29.31 28.11
N SER A 219 14.72 28.27 28.09
CA SER A 219 13.42 28.38 27.47
C SER A 219 12.36 27.65 28.27
N ASN A 220 11.11 28.01 27.98
CA ASN A 220 9.90 27.33 28.47
C ASN A 220 8.88 27.45 27.34
N LEU A 221 8.86 26.45 26.45
CA LEU A 221 8.18 26.61 25.17
C LEU A 221 6.67 26.81 25.31
N ILE A 222 6.06 26.35 26.41
CA ILE A 222 4.65 26.63 26.62
C ILE A 222 4.43 28.09 26.99
N THR A 223 5.30 28.62 27.86
CA THR A 223 5.17 30.02 28.26
C THR A 223 5.33 30.94 27.07
N LYS A 224 6.42 30.80 26.32
CA LYS A 224 6.67 31.62 25.14
C LYS A 224 7.72 30.93 24.28
N ASP A 225 7.46 30.83 22.99
CA ASP A 225 8.42 30.22 22.08
C ASP A 225 9.47 31.24 21.65
N TRP A 226 10.41 30.80 20.82
CA TRP A 226 11.59 31.58 20.52
C TRP A 226 11.28 32.77 19.63
N VAL A 227 12.07 33.83 19.81
CA VAL A 227 12.02 35.02 18.95
C VAL A 227 13.41 35.62 18.93
N GLN A 228 13.74 36.28 17.81
CA GLN A 228 15.02 36.96 17.63
C GLN A 228 16.19 35.98 17.77
N LEU A 229 16.23 35.00 16.86
CA LEU A 229 17.26 33.98 16.88
C LEU A 229 18.61 34.46 16.37
N ASP A 230 18.66 35.65 15.77
CA ASP A 230 19.93 36.26 15.39
C ASP A 230 20.63 36.92 16.57
N ARG A 231 20.02 36.91 17.76
CA ARG A 231 20.65 37.37 19.00
C ARG A 231 20.71 36.18 19.95
N PRO A 232 21.69 35.29 19.78
CA PRO A 232 21.66 34.02 20.51
C PRO A 232 21.85 34.16 22.01
N PHE A 233 22.80 34.99 22.45
CA PHE A 233 23.20 35.04 23.85
C PHE A 233 22.41 36.04 24.67
N GLU A 234 21.21 36.42 24.22
CA GLU A 234 20.33 37.27 24.98
C GLU A 234 19.12 36.48 25.44
N ASP A 235 18.58 36.86 26.59
CA ASP A 235 17.41 36.18 27.12
C ASP A 235 16.13 36.70 26.47
N PHE A 236 15.15 35.81 26.34
CA PHE A 236 13.82 36.19 25.90
C PHE A 236 12.75 35.87 26.93
N ILE A 237 13.13 35.32 28.09
CA ILE A 237 12.27 35.22 29.27
C ILE A 237 13.09 35.61 30.49
N ASP A 238 12.44 35.63 31.65
CA ASP A 238 13.05 36.11 32.89
C ASP A 238 13.50 34.90 33.72
N ARG A 239 14.82 34.73 33.87
CA ARG A 239 15.34 33.60 34.64
C ARG A 239 15.00 33.73 36.12
N GLU A 240 14.91 34.97 36.62
CA GLU A 240 14.55 35.20 38.01
C GLU A 240 13.06 34.96 38.27
N THR A 241 12.22 35.10 37.24
CA THR A 241 10.77 35.00 37.37
C THR A 241 10.22 33.68 36.83
N THR A 242 10.64 33.30 35.62
CA THR A 242 10.06 32.17 34.91
C THR A 242 11.01 30.99 34.92
N PRO A 243 10.56 29.81 35.35
CA PRO A 243 11.44 28.64 35.39
C PRO A 243 11.63 28.02 34.01
N ARG A 244 12.53 27.05 33.96
CA ARG A 244 12.81 26.29 32.76
C ARG A 244 11.79 25.16 32.59
N MET A 245 11.62 24.74 31.34
CA MET A 245 10.84 23.53 31.05
C MET A 245 11.80 22.41 30.71
N PRO A 246 12.00 21.45 31.60
CA PRO A 246 12.96 20.37 31.33
C PRO A 246 12.60 19.58 30.08
N TRP A 247 13.63 19.02 29.44
CA TRP A 247 13.51 18.35 28.16
C TRP A 247 14.00 16.92 28.30
N ARG A 248 13.08 15.95 28.21
CA ARG A 248 13.44 14.54 28.22
C ARG A 248 13.40 14.00 26.80
N ASP A 249 14.51 13.44 26.34
CA ASP A 249 14.59 12.88 25.00
C ASP A 249 15.48 11.64 25.06
N VAL A 250 15.38 10.82 24.00
CA VAL A 250 16.18 9.61 23.89
C VAL A 250 16.88 9.63 22.53
N GLY A 251 18.20 9.42 22.55
CA GLY A 251 18.98 9.31 21.35
C GLY A 251 19.71 7.97 21.29
N VAL A 252 20.43 7.79 20.19
CA VAL A 252 21.14 6.53 19.96
C VAL A 252 22.27 6.80 18.96
N VAL A 253 23.36 6.06 19.11
CA VAL A 253 24.47 6.07 18.17
C VAL A 253 24.69 4.64 17.69
N VAL A 254 24.96 4.48 16.40
CA VAL A 254 25.26 3.18 15.82
C VAL A 254 26.60 3.25 15.10
N HIS A 255 27.30 2.12 15.06
CA HIS A 255 28.62 2.03 14.46
C HIS A 255 28.63 0.98 13.37
N GLY A 256 29.18 1.32 12.21
CA GLY A 256 29.43 0.34 11.16
C GLY A 256 28.40 0.29 10.05
N LEU A 257 27.75 -0.87 9.90
CA LEU A 257 26.85 -1.07 8.77
C LEU A 257 25.58 -0.22 8.85
N PRO A 258 24.89 -0.13 9.99
CA PRO A 258 23.69 0.75 10.03
C PRO A 258 24.01 2.21 9.76
N ALA A 259 25.23 2.65 10.08
CA ALA A 259 25.59 4.05 9.85
C ALA A 259 25.72 4.32 8.35
N ARG A 260 26.27 3.39 7.60
CA ARG A 260 26.29 3.53 6.15
C ARG A 260 24.90 3.46 5.57
N ASP A 261 24.04 2.60 6.13
CA ASP A 261 22.62 2.60 5.77
C ASP A 261 22.01 3.98 6.01
N LEU A 262 22.29 4.57 7.16
CA LEU A 262 21.78 5.91 7.45
C LEU A 262 22.45 6.96 6.57
N ALA A 263 23.74 6.79 6.27
CA ALA A 263 24.40 7.71 5.35
C ALA A 263 23.83 7.61 3.94
N ARG A 264 23.37 6.42 3.55
CA ARG A 264 22.76 6.28 2.23
C ARG A 264 21.40 6.98 2.17
N HIS A 265 20.68 7.03 3.29
CA HIS A 265 19.45 7.82 3.33
C HIS A 265 19.75 9.31 3.15
N PHE A 266 20.80 9.80 3.83
CA PHE A 266 21.21 11.19 3.63
C PHE A 266 21.64 11.44 2.19
N ILE A 267 22.42 10.52 1.61
CA ILE A 267 22.92 10.71 0.26
C ILE A 267 21.76 10.73 -0.75
N GLN A 268 20.75 9.88 -0.53
CA GLN A 268 19.57 9.91 -1.38
C GLN A 268 18.83 11.24 -1.24
N ARG A 269 18.56 11.65 0.01
CA ARG A 269 17.89 12.93 0.24
C ARG A 269 18.71 14.10 -0.29
N TRP A 270 20.04 14.02 -0.19
CA TRP A 270 20.90 15.11 -0.66
C TRP A 270 20.82 15.27 -2.17
N ASN A 271 21.16 14.21 -2.91
CA ASN A 271 21.18 14.30 -4.37
C ASN A 271 19.79 14.52 -4.94
N PHE A 272 18.74 14.08 -4.23
CA PHE A 272 17.39 14.38 -4.66
C PHE A 272 17.07 15.86 -4.45
N THR A 273 17.49 16.42 -3.31
CA THR A 273 17.33 17.84 -3.06
C THR A 273 18.14 18.67 -4.06
N LYS A 274 19.24 18.12 -4.56
CA LYS A 274 20.00 18.80 -5.62
C LYS A 274 19.14 19.04 -6.84
N THR A 275 18.13 18.20 -7.07
CA THR A 275 17.27 18.26 -8.24
C THR A 275 16.08 19.20 -8.07
N THR A 276 15.86 19.75 -6.87
CA THR A 276 14.62 20.44 -6.57
C THR A 276 14.64 21.93 -6.87
N LYS A 277 15.81 22.55 -7.08
CA LYS A 277 15.85 23.95 -7.45
C LYS A 277 17.12 24.22 -8.26
N ALA A 278 17.03 25.25 -9.12
CA ALA A 278 18.12 25.51 -10.07
C ALA A 278 19.42 25.87 -9.37
N LYS A 279 19.34 26.49 -8.18
CA LYS A 279 20.54 26.85 -7.45
C LYS A 279 21.28 25.62 -6.94
N TYR A 280 20.54 24.58 -6.55
CA TYR A 280 21.14 23.36 -6.03
C TYR A 280 21.73 22.47 -7.11
N LYS A 281 21.29 22.63 -8.36
CA LYS A 281 21.78 21.78 -9.45
C LYS A 281 23.19 22.15 -9.89
N THR A 282 23.76 23.23 -9.35
CA THR A 282 25.10 23.66 -9.72
C THR A 282 26.15 22.80 -9.03
N PRO A 283 27.36 22.71 -9.59
CA PRO A 283 28.42 21.92 -8.94
C PRO A 283 28.85 22.47 -7.59
N THR A 284 28.35 23.63 -7.18
CA THR A 284 28.64 24.17 -5.86
C THR A 284 28.24 23.18 -4.77
N TYR A 285 27.06 22.57 -4.91
CA TYR A 285 26.62 21.52 -4.00
C TYR A 285 27.00 20.16 -4.58
N PRO A 286 28.07 19.54 -4.09
CA PRO A 286 28.56 18.30 -4.71
C PRO A 286 27.62 17.14 -4.48
N TYR A 287 27.58 16.24 -5.47
CA TYR A 287 26.91 14.96 -5.28
C TYR A 287 27.64 14.17 -4.19
N LEU A 288 26.88 13.71 -3.20
CA LEU A 288 27.43 12.81 -2.21
C LEU A 288 27.21 11.37 -2.66
N LEU A 289 28.16 10.51 -2.28
CA LEU A 289 28.16 9.14 -2.77
C LEU A 289 28.48 8.17 -1.64
N PRO A 290 27.84 7.00 -1.63
CA PRO A 290 28.05 6.07 -0.52
C PRO A 290 29.43 5.45 -0.52
N LYS A 291 29.86 5.08 0.67
CA LYS A 291 31.12 4.39 0.89
C LYS A 291 30.83 2.89 0.94
N SER A 292 31.33 2.16 -0.05
CA SER A 292 30.95 0.75 -0.27
C SER A 292 31.16 -0.08 0.99
N THR A 293 30.33 -1.11 1.13
CA THR A 293 29.70 -1.39 2.41
C THR A 293 30.48 -2.31 3.37
N SER A 294 31.35 -3.20 2.89
CA SER A 294 32.15 -4.02 3.81
C SER A 294 33.52 -3.38 4.11
N THR A 295 33.65 -2.07 3.92
CA THR A 295 34.69 -1.29 4.58
C THR A 295 34.17 -0.84 5.95
N ALA A 296 33.82 -1.82 6.78
CA ALA A 296 33.13 -1.56 8.04
C ALA A 296 33.87 -2.22 9.20
N ASN A 297 35.20 -2.22 9.15
CA ASN A 297 36.00 -2.72 10.26
C ASN A 297 36.73 -1.57 10.95
N GLY A 305 30.22 4.15 25.32
CA GLY A 305 30.46 2.76 24.97
C GLY A 305 29.18 1.95 24.85
N GLY A 306 29.02 1.28 23.70
CA GLY A 306 27.79 0.61 23.34
C GLY A 306 27.93 -0.89 23.20
N GLN A 307 26.78 -1.55 23.02
CA GLN A 307 26.67 -2.99 23.12
C GLN A 307 26.47 -3.66 21.75
N CYS A 308 26.84 -4.94 21.71
CA CYS A 308 26.57 -5.82 20.58
C CYS A 308 25.06 -5.95 20.37
N THR A 309 24.58 -5.53 19.21
CA THR A 309 23.16 -5.54 18.89
C THR A 309 22.95 -6.04 17.48
N THR A 310 21.67 -6.12 17.09
CA THR A 310 21.24 -6.19 15.70
C THR A 310 20.39 -4.96 15.42
N VAL A 311 20.80 -4.13 14.47
CA VAL A 311 20.16 -2.87 14.18
C VAL A 311 19.67 -2.85 12.74
N GLN A 312 18.40 -2.50 12.55
CA GLN A 312 17.83 -2.29 11.24
C GLN A 312 17.38 -0.83 11.13
N VAL A 313 17.77 -0.17 10.05
CA VAL A 313 17.42 1.22 9.82
C VAL A 313 16.06 1.28 9.12
N LEU A 314 15.17 2.11 9.66
CA LEU A 314 13.84 2.30 9.10
C LEU A 314 13.57 3.80 8.97
N ARG A 315 12.66 4.16 8.07
CA ARG A 315 12.46 5.56 7.75
C ARG A 315 11.06 5.77 7.19
N SER A 316 10.70 7.05 7.05
CA SER A 316 9.47 7.48 6.40
C SER A 316 9.85 8.49 5.33
N VAL A 317 9.54 8.20 4.07
CA VAL A 317 9.86 9.09 2.96
C VAL A 317 8.75 9.01 1.92
N ASP A 318 8.68 10.03 1.08
CA ASP A 318 7.67 10.14 0.04
C ASP A 318 8.28 10.84 -1.16
N ARG A 319 7.47 11.03 -2.21
CA ARG A 319 7.94 11.67 -3.42
C ARG A 319 8.42 13.10 -3.16
N TRP A 320 7.81 13.80 -2.23
CA TRP A 320 8.21 15.19 -1.98
C TRP A 320 9.49 15.27 -1.15
N SER A 321 9.67 14.34 -0.21
CA SER A 321 10.84 14.37 0.67
C SER A 321 12.05 13.67 0.06
N ALA A 322 11.84 12.57 -0.65
CA ALA A 322 12.92 11.85 -1.32
C ALA A 322 12.39 11.43 -2.69
N GLY A 323 13.09 10.49 -3.33
CA GLY A 323 12.66 9.97 -4.60
C GLY A 323 11.83 8.70 -4.53
N THR A 324 11.58 8.19 -3.33
CA THR A 324 10.90 6.91 -3.15
C THR A 324 9.85 7.05 -2.05
N LEU A 325 9.13 5.96 -1.80
CA LEU A 325 8.17 5.89 -0.71
C LEU A 325 8.60 4.82 0.28
N GLU A 326 8.37 5.09 1.56
CA GLU A 326 8.65 4.11 2.60
C GLU A 326 7.90 4.49 3.86
N ASN A 327 7.22 3.52 4.46
CA ASN A 327 6.64 3.66 5.79
C ASN A 327 7.09 2.48 6.65
N SER A 328 8.41 2.31 6.73
CA SER A 328 8.99 1.16 7.43
C SER A 328 9.02 1.35 8.94
N ILE A 329 9.04 2.59 9.42
CA ILE A 329 8.89 2.82 10.85
C ILE A 329 7.52 2.34 11.30
N LEU A 330 6.48 2.69 10.55
CA LEU A 330 5.14 2.24 10.87
C LEU A 330 5.05 0.72 10.89
N ASN A 331 5.63 0.07 9.88
CA ASN A 331 5.61 -1.40 9.83
C ASN A 331 6.28 -1.99 11.06
N ALA A 332 7.47 -1.51 11.40
CA ALA A 332 8.18 -2.04 12.56
C ALA A 332 7.42 -1.74 13.85
N TYR A 333 6.64 -0.67 13.88
CA TYR A 333 5.86 -0.35 15.07
C TYR A 333 4.70 -1.34 15.24
N LEU A 334 3.97 -1.61 14.16
CA LEU A 334 2.85 -2.54 14.23
C LEU A 334 3.33 -3.96 14.55
N HIS A 335 4.42 -4.39 13.91
CA HIS A 335 4.89 -5.75 14.11
C HIS A 335 5.42 -5.96 15.53
N THR A 336 6.19 -5.00 16.04
CA THR A 336 6.77 -5.16 17.37
C THR A 336 5.69 -5.21 18.45
N ILE A 337 4.63 -4.43 18.27
CA ILE A 337 3.49 -4.51 19.19
C ILE A 337 2.81 -5.87 19.08
N ARG A 338 2.63 -6.35 17.84
CA ARG A 338 1.90 -7.60 17.64
C ARG A 338 2.64 -8.80 18.21
N GLU A 339 3.96 -8.83 18.07
CA GLU A 339 4.74 -9.96 18.56
C GLU A 339 5.17 -9.81 20.01
N SER A 340 4.81 -8.70 20.65
CA SER A 340 5.20 -8.48 22.05
C SER A 340 4.53 -9.51 22.95
N GLN A 341 5.33 -10.13 23.82
CA GLN A 341 4.85 -11.22 24.66
C GLN A 341 4.65 -10.84 26.12
N HIS A 342 5.17 -9.68 26.57
CA HIS A 342 5.16 -9.40 27.99
C HIS A 342 4.78 -7.97 28.33
N PHE A 343 5.41 -6.98 27.71
CA PHE A 343 5.04 -5.60 28.00
C PHE A 343 5.47 -4.69 26.87
N LEU A 344 4.94 -3.47 26.90
CA LEU A 344 5.33 -2.38 26.02
C LEU A 344 5.65 -1.16 26.87
N TYR A 345 6.80 -0.54 26.61
CA TYR A 345 7.15 0.73 27.23
C TYR A 345 7.19 1.78 26.13
N ILE A 346 6.20 2.67 26.12
CA ILE A 346 6.10 3.74 25.13
C ILE A 346 6.38 5.06 25.82
N GLU A 347 7.26 5.86 25.23
CA GLU A 347 7.60 7.19 25.73
C GLU A 347 7.68 8.10 24.50
N ASN A 348 6.55 8.71 24.14
CA ASN A 348 6.44 9.46 22.90
C ASN A 348 5.85 10.85 23.16
N GLN A 349 6.31 11.82 22.38
CA GLN A 349 5.81 13.18 22.49
C GLN A 349 4.32 13.26 22.17
N PHE A 350 3.90 12.61 21.09
CA PHE A 350 2.50 12.58 20.69
C PHE A 350 1.99 11.15 20.72
N PHE A 351 0.66 11.01 20.81
CA PHE A 351 0.00 9.72 20.84
C PHE A 351 -1.35 9.85 20.13
N ILE A 352 -1.31 9.97 18.81
CA ILE A 352 -2.49 10.17 17.99
C ILE A 352 -2.61 8.97 17.06
N SER A 353 -3.52 8.05 17.37
CA SER A 353 -3.62 6.78 16.65
C SER A 353 -5.08 6.38 16.59
N CYS A 354 -5.32 5.08 16.38
CA CYS A 354 -6.65 4.46 16.32
C CYS A 354 -7.39 4.87 15.05
N SER A 355 -7.34 3.99 14.05
CA SER A 355 -7.81 4.33 12.71
C SER A 355 -9.33 4.43 12.66
N ASP A 356 -9.81 5.40 11.86
CA ASP A 356 -11.22 5.49 11.51
C ASP A 356 -11.46 5.58 10.01
N GLY A 357 -10.38 5.58 9.21
CA GLY A 357 -10.50 5.62 7.77
C GLY A 357 -10.56 7.01 7.17
N ARG A 358 -10.91 8.02 7.97
CA ARG A 358 -11.10 9.38 7.45
C ARG A 358 -10.15 10.39 8.10
N THR A 359 -10.27 10.61 9.41
CA THR A 359 -9.44 11.60 10.09
C THR A 359 -8.07 11.05 10.49
N VAL A 360 -8.05 9.93 11.21
CA VAL A 360 -6.82 9.32 11.68
C VAL A 360 -6.70 7.93 11.06
N LEU A 361 -5.54 7.62 10.49
CA LEU A 361 -5.36 6.43 9.67
C LEU A 361 -4.39 5.40 10.22
N ASN A 362 -3.35 5.80 10.95
CA ASN A 362 -2.39 4.82 11.44
C ASN A 362 -3.04 3.98 12.54
N LYS A 363 -2.69 2.68 12.56
CA LYS A 363 -3.33 1.72 13.42
C LYS A 363 -2.41 1.22 14.54
N VAL A 364 -1.53 2.10 15.04
CA VAL A 364 -0.68 1.73 16.16
C VAL A 364 -1.52 1.51 17.42
N GLY A 365 -2.42 2.44 17.71
CA GLY A 365 -3.32 2.28 18.84
C GLY A 365 -4.24 1.09 18.70
N ASP A 366 -4.68 0.78 17.48
CA ASP A 366 -5.51 -0.40 17.24
C ASP A 366 -4.72 -1.68 17.46
N GLU A 367 -3.40 -1.64 17.25
CA GLU A 367 -2.58 -2.81 17.52
C GLU A 367 -2.39 -3.04 19.01
N ILE A 368 -2.40 -1.97 19.80
CA ILE A 368 -2.26 -2.11 21.25
C ILE A 368 -3.54 -2.65 21.86
N VAL A 369 -4.70 -2.22 21.36
CA VAL A 369 -5.95 -2.74 21.89
C VAL A 369 -6.09 -4.22 21.54
N ASP A 370 -5.67 -4.62 20.34
CA ASP A 370 -5.76 -6.03 19.98
C ASP A 370 -4.80 -6.87 20.81
N ARG A 371 -3.58 -6.36 21.04
CA ARG A 371 -2.61 -7.11 21.84
C ARG A 371 -3.07 -7.26 23.28
N ILE A 372 -3.67 -6.21 23.84
CA ILE A 372 -4.17 -6.28 25.22
C ILE A 372 -5.39 -7.17 25.31
N LEU A 373 -6.30 -7.07 24.33
CA LEU A 373 -7.50 -7.90 24.34
C LEU A 373 -7.18 -9.37 24.21
N LYS A 374 -6.06 -9.72 23.57
CA LYS A 374 -5.68 -11.12 23.48
C LYS A 374 -5.03 -11.60 24.78
N ALA A 375 -4.13 -10.82 25.35
CA ALA A 375 -3.55 -11.18 26.63
C ALA A 375 -4.61 -11.32 27.71
N HIS A 376 -5.72 -10.57 27.59
CA HIS A 376 -6.81 -10.69 28.53
C HIS A 376 -7.62 -11.97 28.31
N LYS A 377 -7.67 -12.47 27.08
CA LYS A 377 -8.43 -13.68 26.80
C LYS A 377 -7.62 -14.93 27.14
N GLN A 378 -6.34 -14.94 26.78
CA GLN A 378 -5.47 -16.05 27.18
C GLN A 378 -5.25 -16.08 28.68
N GLY A 379 -5.32 -14.92 29.32
CA GLY A 379 -4.96 -14.81 30.72
C GLY A 379 -3.50 -14.50 30.96
N TRP A 380 -2.82 -13.91 29.98
CA TRP A 380 -1.43 -13.53 30.15
C TRP A 380 -1.28 -12.41 31.18
N CYS A 381 -0.04 -12.18 31.57
CA CYS A 381 0.33 -10.97 32.29
C CYS A 381 1.00 -10.03 31.30
N TYR A 382 0.40 -8.85 31.11
CA TYR A 382 0.81 -7.97 30.02
C TYR A 382 0.54 -6.53 30.44
N ARG A 383 1.57 -5.70 30.42
CA ARG A 383 1.46 -4.29 30.80
C ARG A 383 1.84 -3.40 29.63
N VAL A 384 1.24 -2.21 29.58
CA VAL A 384 1.56 -1.22 28.57
C VAL A 384 1.76 0.10 29.29
N TYR A 385 2.97 0.62 29.26
CA TYR A 385 3.31 1.91 29.85
C TYR A 385 3.39 2.96 28.74
N VAL A 386 2.63 4.04 28.88
CA VAL A 386 2.63 5.12 27.92
C VAL A 386 2.96 6.40 28.66
N LEU A 387 4.05 7.05 28.29
CA LEU A 387 4.48 8.30 28.90
C LEU A 387 4.49 9.39 27.84
N LEU A 388 3.78 10.47 28.11
CA LEU A 388 3.63 11.60 27.21
C LEU A 388 3.91 12.90 27.99
N PRO A 389 4.25 13.97 27.28
CA PRO A 389 4.23 15.29 27.94
C PRO A 389 2.83 15.62 28.39
N LEU A 390 2.73 16.21 29.58
CA LEU A 390 1.42 16.55 30.13
C LEU A 390 0.68 17.54 29.23
N LEU A 391 1.40 18.42 28.55
CA LEU A 391 0.84 19.37 27.62
C LEU A 391 1.56 19.27 26.28
N PRO A 392 0.84 19.45 25.18
CA PRO A 392 1.50 19.51 23.87
C PRO A 392 2.48 20.68 23.83
N GLY A 393 3.45 20.58 22.92
CA GLY A 393 4.56 21.51 22.92
C GLY A 393 4.36 22.80 22.14
N PHE A 394 3.50 23.69 22.63
CA PHE A 394 3.20 24.92 21.92
C PHE A 394 2.93 26.04 22.91
N GLU A 395 3.21 27.27 22.49
CA GLU A 395 2.97 28.42 23.34
C GLU A 395 1.47 28.58 23.58
N GLY A 396 1.08 28.75 24.83
CA GLY A 396 -0.32 28.88 25.16
C GLY A 396 -0.55 29.07 26.64
N ASP A 397 -1.58 29.83 26.97
CA ASP A 397 -1.89 30.16 28.36
C ASP A 397 -2.85 29.10 28.90
N ILE A 398 -2.29 28.11 29.61
CA ILE A 398 -3.11 27.05 30.17
C ILE A 398 -4.03 27.58 31.27
N SER A 399 -3.75 28.77 31.82
CA SER A 399 -4.66 29.31 32.82
C SER A 399 -6.01 29.68 32.21
N THR A 400 -6.04 29.94 30.91
CA THR A 400 -7.28 30.32 30.24
C THR A 400 -7.72 29.28 29.20
N GLY A 401 -7.22 28.05 29.28
CA GLY A 401 -7.66 26.98 28.41
C GLY A 401 -6.60 26.39 27.50
N GLY A 402 -5.45 27.03 27.32
CA GLY A 402 -4.39 26.44 26.53
C GLY A 402 -4.17 27.07 25.18
N GLY A 403 -5.24 27.31 24.43
CA GLY A 403 -5.16 27.90 23.12
C GLY A 403 -5.60 26.96 22.01
N ASN A 404 -5.62 27.51 20.80
CA ASN A 404 -6.06 26.77 19.63
C ASN A 404 -5.19 25.54 19.38
N SER A 405 -3.87 25.74 19.33
CA SER A 405 -2.99 24.65 18.93
C SER A 405 -2.94 23.55 19.98
N ILE A 406 -2.90 23.92 21.26
CA ILE A 406 -2.77 22.92 22.32
C ILE A 406 -4.06 22.10 22.46
N GLN A 407 -5.21 22.76 22.42
CA GLN A 407 -6.48 22.05 22.51
C GLN A 407 -6.70 21.15 21.29
N ALA A 408 -6.21 21.56 20.13
CA ALA A 408 -6.32 20.73 18.94
C ALA A 408 -5.54 19.43 19.11
N ILE A 409 -4.35 19.51 19.69
CA ILE A 409 -3.58 18.30 19.95
C ILE A 409 -4.22 17.49 21.06
N LEU A 410 -4.73 18.17 22.09
CA LEU A 410 -5.41 17.46 23.19
C LEU A 410 -6.63 16.70 22.70
N HIS A 411 -7.36 17.28 21.73
CA HIS A 411 -8.53 16.61 21.17
C HIS A 411 -8.15 15.25 20.60
N PHE A 412 -7.13 15.22 19.75
CA PHE A 412 -6.70 13.96 19.15
C PHE A 412 -5.91 13.09 20.12
N THR A 413 -5.29 13.67 21.14
CA THR A 413 -4.69 12.86 22.19
C THR A 413 -5.75 12.07 22.96
N TYR A 414 -6.73 12.78 23.52
CA TYR A 414 -7.76 12.12 24.31
C TYR A 414 -8.64 11.23 23.45
N ARG A 415 -8.82 11.57 22.17
CA ARG A 415 -9.57 10.70 21.27
C ARG A 415 -8.86 9.36 21.11
N THR A 416 -7.53 9.36 21.14
CA THR A 416 -6.79 8.11 21.08
C THR A 416 -6.85 7.37 22.43
N LEU A 417 -7.00 8.10 23.52
CA LEU A 417 -6.89 7.52 24.86
C LEU A 417 -8.24 7.12 25.45
N CYS A 418 -9.13 8.08 25.64
CA CYS A 418 -10.27 7.85 26.52
C CYS A 418 -11.61 8.38 26.03
N ARG A 419 -11.66 9.16 24.96
CA ARG A 419 -12.89 9.86 24.58
C ARG A 419 -13.27 9.48 23.16
N GLY A 420 -14.31 8.67 23.02
CA GLY A 420 -14.84 8.29 21.72
C GLY A 420 -14.92 6.78 21.56
N GLU A 421 -15.54 6.39 20.44
CA GLU A 421 -15.68 4.98 20.13
C GLU A 421 -14.34 4.34 19.75
N TYR A 422 -13.44 5.11 19.15
CA TYR A 422 -12.16 4.58 18.70
C TYR A 422 -11.09 4.59 19.78
N SER A 423 -11.34 5.25 20.92
CA SER A 423 -10.31 5.39 21.94
C SER A 423 -9.91 4.04 22.53
N ILE A 424 -8.70 4.00 23.08
CA ILE A 424 -8.14 2.75 23.58
C ILE A 424 -8.94 2.25 24.78
N LEU A 425 -9.15 3.12 25.77
CA LEU A 425 -9.79 2.69 27.02
C LEU A 425 -11.24 2.29 26.79
N HIS A 426 -11.98 3.06 25.99
CA HIS A 426 -13.39 2.73 25.76
C HIS A 426 -13.55 1.36 25.12
N ARG A 427 -12.62 0.96 24.25
CA ARG A 427 -12.70 -0.35 23.64
C ARG A 427 -12.21 -1.45 24.56
N LEU A 428 -11.30 -1.13 25.48
CA LEU A 428 -10.88 -2.13 26.47
C LEU A 428 -11.97 -2.35 27.51
N LYS A 429 -12.62 -1.28 27.97
CA LYS A 429 -13.72 -1.42 28.93
C LYS A 429 -14.89 -2.16 28.32
N ALA A 430 -15.06 -2.07 26.99
CA ALA A 430 -16.12 -2.80 26.31
C ALA A 430 -15.92 -4.31 26.39
N ALA A 431 -14.69 -4.77 26.60
CA ALA A 431 -14.40 -6.19 26.67
C ALA A 431 -13.94 -6.68 28.03
N MET A 432 -13.40 -5.79 28.87
CA MET A 432 -12.91 -6.19 30.19
C MET A 432 -13.37 -5.27 31.32
N GLY A 433 -14.16 -4.24 31.02
CA GLY A 433 -14.65 -3.37 32.07
C GLY A 433 -13.52 -2.53 32.66
N THR A 434 -13.54 -2.40 33.99
CA THR A 434 -12.56 -1.60 34.70
C THR A 434 -11.22 -2.30 34.87
N ALA A 435 -11.04 -3.49 34.28
CA ALA A 435 -9.78 -4.22 34.38
C ALA A 435 -8.72 -3.68 33.42
N TRP A 436 -9.03 -2.61 32.68
CA TRP A 436 -8.01 -1.98 31.83
C TRP A 436 -6.89 -1.37 32.67
N ARG A 437 -7.18 -1.02 33.93
CA ARG A 437 -6.17 -0.46 34.81
C ARG A 437 -5.07 -1.46 35.12
N ASP A 438 -5.29 -2.75 34.87
CA ASP A 438 -4.27 -3.77 35.04
C ASP A 438 -3.36 -3.91 33.82
N TYR A 439 -3.83 -3.49 32.64
CA TYR A 439 -3.12 -3.74 31.40
C TYR A 439 -2.46 -2.51 30.80
N ILE A 440 -2.89 -1.30 31.16
CA ILE A 440 -2.35 -0.09 30.57
C ILE A 440 -2.23 0.98 31.64
N SER A 441 -1.18 1.81 31.51
CA SER A 441 -0.88 2.84 32.49
C SER A 441 -0.27 4.01 31.74
N ILE A 442 -0.99 5.12 31.68
CA ILE A 442 -0.58 6.29 30.91
C ILE A 442 -0.24 7.39 31.91
N CYS A 443 1.02 7.82 31.91
CA CYS A 443 1.50 8.79 32.88
C CYS A 443 2.27 9.90 32.17
N GLY A 444 2.56 10.96 32.91
CA GLY A 444 3.43 12.03 32.45
C GLY A 444 4.57 12.24 33.42
N LEU A 445 5.30 13.34 33.28
CA LEU A 445 6.40 13.66 34.18
C LEU A 445 6.28 15.09 34.66
N ARG A 446 6.80 15.34 35.86
CA ARG A 446 6.81 16.67 36.45
C ARG A 446 7.81 16.68 37.59
N THR A 447 8.55 17.78 37.71
CA THR A 447 9.53 17.95 38.77
C THR A 447 9.30 19.30 39.45
N HIS A 448 10.03 19.51 40.55
CA HIS A 448 9.91 20.76 41.29
C HIS A 448 11.30 21.21 41.74
N GLY A 449 11.46 22.52 41.84
CA GLY A 449 12.67 23.13 42.35
C GLY A 449 12.37 24.34 43.21
N GLU A 450 13.29 25.29 43.26
CA GLU A 450 13.13 26.51 44.05
C GLU A 450 13.47 27.73 43.19
N LEU A 451 12.66 28.78 43.34
CA LEU A 451 12.91 30.03 42.65
C LEU A 451 12.16 31.13 43.38
N GLY A 452 12.83 32.27 43.61
CA GLY A 452 12.21 33.37 44.32
C GLY A 452 11.90 33.09 45.78
N GLY A 453 12.50 32.06 46.36
CA GLY A 453 12.26 31.72 47.74
C GLY A 453 11.08 30.82 48.00
N HIS A 454 10.44 30.31 46.96
CA HIS A 454 9.29 29.41 47.10
C HIS A 454 9.39 28.31 46.06
N PRO A 455 8.84 27.13 46.35
CA PRO A 455 8.92 26.02 45.39
C PRO A 455 8.23 26.36 44.09
N VAL A 456 8.84 25.93 42.98
CA VAL A 456 8.27 26.03 41.66
C VAL A 456 8.12 24.62 41.11
N SER A 457 7.20 24.47 40.15
CA SER A 457 6.99 23.17 39.51
C SER A 457 6.80 23.37 38.02
N GLU A 458 7.11 22.30 37.28
CA GLU A 458 7.01 22.33 35.83
C GLU A 458 7.00 20.89 35.33
N LEU A 459 6.25 20.65 34.26
CA LEU A 459 6.27 19.34 33.64
C LEU A 459 7.60 19.12 32.92
N ILE A 460 8.05 17.87 32.92
CA ILE A 460 9.24 17.47 32.18
C ILE A 460 8.75 17.14 30.76
N TYR A 461 9.00 18.04 29.83
CA TYR A 461 8.52 17.86 28.46
C TYR A 461 9.13 16.61 27.84
N ILE A 462 8.32 15.58 27.66
CA ILE A 462 8.78 14.31 27.10
C ILE A 462 8.77 14.45 25.58
N HIS A 463 9.94 14.68 25.00
CA HIS A 463 10.10 14.74 23.55
C HIS A 463 10.57 13.43 22.94
N SER A 464 10.71 12.38 23.76
CA SER A 464 11.22 11.11 23.26
C SER A 464 10.28 10.52 22.21
N LYS A 465 10.84 9.58 21.43
CA LYS A 465 10.10 8.81 20.44
C LYS A 465 10.64 7.39 20.49
N VAL A 466 10.43 6.72 21.62
CA VAL A 466 11.04 5.43 21.90
C VAL A 466 9.95 4.41 22.24
N LEU A 467 10.22 3.14 21.91
CA LEU A 467 9.37 2.02 22.29
C LEU A 467 10.26 0.87 22.74
N ILE A 468 9.90 0.24 23.84
CA ILE A 468 10.60 -0.93 24.36
C ILE A 468 9.61 -2.07 24.51
N ALA A 469 10.01 -3.27 24.07
CA ALA A 469 9.16 -4.45 24.12
C ALA A 469 9.92 -5.60 24.77
N ASP A 470 9.41 -6.07 25.90
CA ASP A 470 9.86 -7.32 26.55
C ASP A 470 11.31 -7.29 27.00
N ASP A 471 11.89 -6.10 27.20
CA ASP A 471 13.30 -5.99 27.57
C ASP A 471 14.19 -6.71 26.56
N ARG A 472 13.88 -6.54 25.27
CA ARG A 472 14.57 -7.27 24.22
C ARG A 472 14.69 -6.45 22.95
N THR A 473 13.72 -5.58 22.70
CA THR A 473 13.62 -4.85 21.45
C THR A 473 13.36 -3.38 21.74
N VAL A 474 14.08 -2.50 21.05
CA VAL A 474 14.01 -1.05 21.24
C VAL A 474 13.84 -0.39 19.87
N ILE A 475 13.05 0.68 19.83
CA ILE A 475 12.92 1.53 18.64
C ILE A 475 13.17 2.96 19.08
N ILE A 476 14.27 3.55 18.62
CA ILE A 476 14.60 4.95 18.88
C ILE A 476 14.63 5.69 17.56
N GLY A 477 13.85 6.77 17.47
CA GLY A 477 13.82 7.55 16.25
C GLY A 477 13.19 8.91 16.45
N SER A 478 12.84 9.54 15.33
CA SER A 478 12.17 10.82 15.32
C SER A 478 10.67 10.72 15.13
N ALA A 479 10.15 9.52 14.89
CA ALA A 479 8.74 9.36 14.54
C ALA A 479 7.88 9.40 15.79
N ASN A 480 6.99 10.38 15.85
CA ASN A 480 5.93 10.39 16.84
C ASN A 480 4.84 9.40 16.44
N ILE A 481 3.95 9.11 17.39
CA ILE A 481 2.82 8.23 17.14
C ILE A 481 1.68 9.11 16.64
N ASN A 482 1.69 9.35 15.34
CA ASN A 482 0.66 10.14 14.66
C ASN A 482 0.75 9.82 13.18
N ASP A 483 -0.21 10.35 12.41
CA ASP A 483 -0.18 10.12 10.97
C ASP A 483 0.95 10.89 10.30
N ARG A 484 1.34 12.04 10.88
CA ARG A 484 2.36 12.88 10.28
C ARG A 484 3.68 12.13 10.17
N SER A 485 4.09 11.44 11.23
CA SER A 485 5.39 10.79 11.26
C SER A 485 5.36 9.37 10.73
N LEU A 486 4.21 8.71 10.74
CA LEU A 486 4.16 7.27 10.51
C LEU A 486 3.75 6.88 9.10
N LEU A 487 2.85 7.63 8.46
CA LEU A 487 2.30 7.21 7.17
C LEU A 487 3.35 7.19 6.07
N GLY A 488 4.44 7.93 6.21
CA GLY A 488 5.46 7.95 5.19
C GLY A 488 5.20 9.00 4.12
N LYS A 489 3.92 9.22 3.81
CA LYS A 489 3.53 10.19 2.79
C LYS A 489 3.67 11.63 3.27
N ARG A 490 3.79 11.86 4.58
CA ARG A 490 3.82 13.22 5.10
C ARG A 490 5.23 13.62 5.54
N ASP A 491 5.49 13.64 6.85
CA ASP A 491 6.80 14.04 7.32
C ASP A 491 7.84 12.97 7.02
N SER A 492 9.07 13.42 6.75
CA SER A 492 10.19 12.50 6.62
C SER A 492 10.75 12.21 8.01
N GLU A 493 10.93 10.92 8.31
CA GLU A 493 11.35 10.50 9.64
C GLU A 493 12.42 9.41 9.52
N LEU A 494 13.12 9.19 10.62
CA LEU A 494 14.09 8.11 10.73
C LEU A 494 13.88 7.36 12.04
N ALA A 495 14.27 6.09 12.04
CA ALA A 495 14.22 5.27 13.24
C ALA A 495 15.15 4.08 13.04
N VAL A 496 15.54 3.47 14.15
CA VAL A 496 16.34 2.24 14.12
C VAL A 496 15.68 1.22 15.05
N LEU A 497 15.69 -0.04 14.62
CA LEU A 497 15.14 -1.16 15.37
C LEU A 497 16.31 -1.93 15.95
N ILE A 498 16.46 -1.91 17.27
CA ILE A 498 17.61 -2.48 17.96
C ILE A 498 17.13 -3.73 18.70
N GLU A 499 17.40 -4.89 18.12
CA GLU A 499 17.06 -6.16 18.73
C GLU A 499 18.30 -6.77 19.37
N ASP A 500 18.15 -7.26 20.59
CA ASP A 500 19.27 -7.76 21.35
C ASP A 500 19.65 -9.17 20.95
N THR A 501 20.92 -9.50 21.12
CA THR A 501 21.49 -10.82 20.88
C THR A 501 22.13 -11.41 22.12
N GLU A 502 22.86 -10.61 22.89
CA GLU A 502 23.39 -11.03 24.17
C GLU A 502 22.39 -10.70 25.26
N THR A 503 22.14 -11.66 26.17
CA THR A 503 21.10 -11.51 27.17
C THR A 503 21.68 -11.59 28.57
N GLU A 504 20.93 -11.02 29.51
CA GLU A 504 21.23 -10.91 30.93
C GLU A 504 20.18 -11.66 31.74
N PRO A 505 20.55 -12.19 32.91
CA PRO A 505 19.52 -12.76 33.81
C PRO A 505 18.58 -11.66 34.30
N SER A 506 17.29 -11.93 34.22
CA SER A 506 16.29 -10.95 34.63
C SER A 506 15.05 -11.69 35.12
N LEU A 507 14.00 -10.92 35.40
CA LEU A 507 12.74 -11.45 35.94
C LEU A 507 11.58 -10.96 35.08
N MET A 508 10.63 -11.86 34.82
CA MET A 508 9.44 -11.53 34.06
C MET A 508 8.25 -12.16 34.77
N ASN A 509 7.50 -11.33 35.50
CA ASN A 509 6.35 -11.78 36.30
C ASN A 509 6.76 -12.89 37.28
N GLY A 510 7.87 -12.67 37.96
CA GLY A 510 8.36 -13.63 38.94
C GLY A 510 9.04 -14.85 38.38
N ALA A 511 9.21 -14.93 37.06
CA ALA A 511 9.82 -16.08 36.42
C ALA A 511 11.17 -15.72 35.80
N GLU A 512 12.02 -16.73 35.65
CA GLU A 512 13.32 -16.53 35.02
C GLU A 512 13.16 -16.04 33.60
N TYR A 513 14.01 -15.11 33.18
CA TYR A 513 13.85 -14.45 31.89
C TYR A 513 15.19 -13.86 31.47
N GLN A 514 15.84 -14.47 30.48
CA GLN A 514 17.02 -13.88 29.87
C GLN A 514 16.59 -12.69 29.03
N ALA A 515 16.87 -11.49 29.50
CA ALA A 515 16.45 -10.27 28.84
C ALA A 515 17.60 -9.64 28.07
N GLY A 516 17.26 -8.93 26.99
CA GLY A 516 18.25 -8.29 26.16
C GLY A 516 19.09 -7.26 26.90
N ARG A 517 20.41 -7.30 26.71
CA ARG A 517 21.30 -6.46 27.50
C ARG A 517 21.13 -4.99 27.18
N PHE A 518 20.91 -4.66 25.91
CA PHE A 518 20.74 -3.26 25.51
C PHE A 518 19.38 -2.73 25.95
N ALA A 519 18.33 -3.54 25.82
CA ALA A 519 16.97 -3.08 26.10
C ALA A 519 16.68 -3.02 27.60
N LEU A 520 17.09 -4.06 28.33
CA LEU A 520 16.89 -4.07 29.78
C LEU A 520 17.57 -2.88 30.44
N SER A 521 18.78 -2.54 30.00
CA SER A 521 19.50 -1.43 30.59
C SER A 521 18.83 -0.09 30.29
N LEU A 522 18.15 0.02 29.15
CA LEU A 522 17.46 1.26 28.82
C LEU A 522 16.20 1.44 29.65
N ARG A 523 15.43 0.36 29.85
CA ARG A 523 14.22 0.47 30.65
C ARG A 523 14.52 0.73 32.11
N LYS A 524 15.53 0.03 32.66
CA LYS A 524 15.92 0.27 34.05
C LYS A 524 16.44 1.69 34.25
N HIS A 525 16.98 2.30 33.19
CA HIS A 525 17.37 3.70 33.28
C HIS A 525 16.15 4.61 33.27
N CYS A 526 15.15 4.28 32.45
CA CYS A 526 13.93 5.07 32.41
C CYS A 526 13.13 4.90 33.70
N PHE A 527 13.00 3.67 34.18
CA PHE A 527 12.22 3.41 35.38
C PHE A 527 12.87 4.05 36.60
N GLY A 528 14.19 3.87 36.75
CA GLY A 528 14.88 4.38 37.93
C GLY A 528 14.87 5.89 38.04
N VAL A 529 14.73 6.59 36.91
CA VAL A 529 14.74 8.05 36.92
C VAL A 529 13.36 8.61 37.17
N ILE A 530 12.33 8.03 36.56
CA ILE A 530 10.97 8.52 36.77
C ILE A 530 10.37 8.04 38.08
N LEU A 531 10.96 7.02 38.70
CA LEU A 531 10.53 6.55 40.02
C LEU A 531 11.46 7.01 41.14
N GLY A 532 12.48 7.81 40.82
CA GLY A 532 13.40 8.32 41.84
C GLY A 532 14.59 7.42 42.08
N PRO A 537 16.50 4.30 45.43
CA PRO A 537 17.69 3.50 45.69
C PRO A 537 17.36 2.09 46.17
N ASP A 538 16.20 1.96 46.83
CA ASP A 538 15.75 0.69 47.40
C ASP A 538 14.77 -0.04 46.50
N LEU A 539 14.60 0.42 45.26
CA LEU A 539 13.61 -0.14 44.35
C LEU A 539 14.17 -1.33 43.60
N ASP A 540 13.31 -2.33 43.38
CA ASP A 540 13.65 -3.51 42.60
C ASP A 540 13.03 -3.35 41.21
N LEU A 541 13.88 -3.19 40.19
CA LEU A 541 13.42 -2.88 38.85
C LEU A 541 13.60 -4.04 37.87
N ARG A 542 13.98 -5.21 38.36
CA ARG A 542 14.15 -6.36 37.48
C ARG A 542 12.83 -6.75 36.82
N ASP A 543 11.84 -7.12 37.63
CA ASP A 543 10.54 -7.50 37.11
C ASP A 543 9.77 -6.26 36.70
N PRO A 544 9.34 -6.16 35.43
CA PRO A 544 8.60 -4.98 34.98
C PRO A 544 7.09 -5.17 34.81
N ILE A 545 6.58 -6.41 34.98
CA ILE A 545 5.17 -6.69 34.75
C ILE A 545 4.49 -7.32 35.96
N CYS A 546 5.20 -7.57 37.05
CA CYS A 546 4.56 -8.22 38.18
C CYS A 546 3.55 -7.29 38.84
N ASP A 547 2.63 -7.89 39.59
CA ASP A 547 1.63 -7.10 40.31
C ASP A 547 2.28 -6.23 41.38
N ASP A 548 3.34 -6.72 42.02
CA ASP A 548 4.00 -5.94 43.07
C ASP A 548 4.57 -4.64 42.51
N PHE A 549 5.24 -4.70 41.37
CA PHE A 549 5.80 -3.49 40.77
C PHE A 549 4.72 -2.64 40.11
N PHE A 550 3.81 -3.28 39.36
CA PHE A 550 2.78 -2.52 38.66
C PHE A 550 1.87 -1.79 39.65
N GLN A 551 1.57 -2.42 40.79
CA GLN A 551 0.84 -1.71 41.84
C GLN A 551 1.69 -0.59 42.43
N LEU A 552 2.96 -0.88 42.72
CA LEU A 552 3.89 0.15 43.17
C LEU A 552 4.03 1.26 42.14
N TRP A 553 3.97 0.92 40.85
CA TRP A 553 4.05 1.93 39.80
C TRP A 553 2.84 2.87 39.86
N GLN A 554 1.63 2.31 39.85
CA GLN A 554 0.44 3.14 39.81
C GLN A 554 0.24 3.93 41.10
N ASP A 555 0.62 3.35 42.24
CA ASP A 555 0.49 4.06 43.51
C ASP A 555 1.32 5.34 43.51
N MET A 556 2.54 5.28 42.95
CA MET A 556 3.39 6.45 42.92
C MET A 556 2.90 7.46 41.89
N ALA A 557 2.39 7.00 40.75
CA ALA A 557 1.89 7.91 39.74
C ALA A 557 0.70 8.71 40.23
N GLU A 558 -0.15 8.11 41.07
CA GLU A 558 -1.31 8.82 41.58
C GLU A 558 -0.96 9.66 42.80
N SER A 559 -0.08 9.16 43.68
CA SER A 559 0.32 9.92 44.85
C SER A 559 1.12 11.15 44.44
N ASN A 560 2.08 10.99 43.52
CA ASN A 560 2.80 12.15 43.00
C ASN A 560 1.87 13.14 42.33
N ALA A 561 0.86 12.64 41.60
CA ALA A 561 -0.12 13.52 40.97
C ALA A 561 -0.90 14.29 42.02
N ASN A 562 -1.27 13.62 43.12
CA ASN A 562 -2.00 14.30 44.19
C ASN A 562 -1.17 15.44 44.78
N ILE A 563 0.03 15.11 45.25
CA ILE A 563 0.86 16.10 45.95
C ILE A 563 1.09 17.33 45.10
N TYR A 564 1.43 17.13 43.82
CA TYR A 564 1.63 18.26 42.93
C TYR A 564 0.35 19.09 42.77
N GLU A 565 -0.81 18.46 42.88
CA GLU A 565 -2.06 19.20 42.75
C GLU A 565 -2.38 19.98 44.02
N GLN A 566 -2.09 19.41 45.20
CA GLN A 566 -2.37 20.11 46.44
C GLN A 566 -1.45 21.31 46.62
N ILE A 567 -0.18 21.17 46.25
CA ILE A 567 0.81 22.21 46.54
C ILE A 567 0.87 23.26 45.43
N PHE A 568 0.85 22.84 44.17
CA PHE A 568 1.04 23.76 43.06
C PHE A 568 -0.22 24.08 42.29
N ARG A 569 -1.28 23.30 42.45
CA ARG A 569 -2.51 23.44 41.66
C ARG A 569 -2.17 23.54 40.18
N CYS A 570 -1.32 22.63 39.72
CA CYS A 570 -0.78 22.70 38.38
C CYS A 570 -1.82 22.23 37.35
N LEU A 571 -1.58 22.62 36.10
CA LEU A 571 -2.37 22.18 34.97
C LEU A 571 -1.49 21.43 33.97
N PRO A 572 -2.00 20.37 33.33
CA PRO A 572 -3.40 19.92 33.40
C PRO A 572 -3.70 19.11 34.65
N SER A 573 -4.99 18.97 34.96
CA SER A 573 -5.42 18.31 36.18
C SER A 573 -6.83 17.76 35.99
N ASN A 574 -7.13 16.68 36.71
CA ASN A 574 -8.48 16.12 36.71
C ASN A 574 -9.49 17.04 37.40
N ALA A 575 -9.03 18.10 38.06
CA ALA A 575 -9.91 18.98 38.81
C ALA A 575 -10.62 20.03 37.96
N THR A 576 -10.24 20.17 36.69
CA THR A 576 -10.85 21.15 35.79
C THR A 576 -11.38 20.40 34.57
N ARG A 577 -12.69 20.12 34.57
CA ARG A 577 -13.31 19.41 33.45
C ARG A 577 -14.04 20.32 32.49
N SER A 578 -14.17 21.61 32.81
CA SER A 578 -14.77 22.59 31.92
C SER A 578 -13.90 23.84 31.89
N LEU A 579 -14.25 24.77 31.01
CA LEU A 579 -13.56 26.06 30.98
C LEU A 579 -14.10 27.02 32.04
N ARG A 580 -15.40 26.90 32.36
CA ARG A 580 -15.97 27.73 33.41
C ARG A 580 -15.44 27.32 34.78
N THR A 581 -15.19 26.02 34.98
CA THR A 581 -14.55 25.58 36.21
C THR A 581 -13.07 25.97 36.22
N LEU A 582 -12.41 25.81 35.08
CA LEU A 582 -10.99 26.20 34.98
C LEU A 582 -10.80 27.68 35.30
N ARG A 583 -11.76 28.53 34.92
CA ARG A 583 -11.63 29.95 35.21
C ARG A 583 -11.56 30.22 36.70
N GLU A 584 -12.23 29.39 37.51
CA GLU A 584 -12.24 29.59 38.95
C GLU A 584 -11.08 28.88 39.63
N TYR A 585 -10.66 27.73 39.10
CA TYR A 585 -9.54 27.01 39.69
C TYR A 585 -8.25 27.83 39.66
N VAL A 586 -8.06 28.64 38.62
CA VAL A 586 -6.84 29.43 38.50
C VAL A 586 -6.87 30.71 39.32
N ALA A 587 -8.04 31.11 39.80
CA ALA A 587 -8.14 32.29 40.66
C ALA A 587 -7.71 32.03 42.09
N VAL A 588 -7.28 30.81 42.40
CA VAL A 588 -6.84 30.44 43.73
C VAL A 588 -5.31 30.36 43.72
N GLU A 589 -4.68 31.01 44.71
CA GLU A 589 -3.23 30.98 44.83
C GLU A 589 -2.80 29.66 45.49
N PRO A 590 -1.81 28.97 44.93
CA PRO A 590 -1.40 27.67 45.48
C PRO A 590 -0.62 27.82 46.77
N LEU A 591 -0.46 26.68 47.45
CA LEU A 591 0.27 26.63 48.72
C LEU A 591 1.76 26.85 48.55
N ALA A 592 2.29 26.62 47.35
CA ALA A 592 3.73 26.79 47.12
C ALA A 592 4.16 28.23 47.38
N THR A 593 3.28 29.19 47.13
CA THR A 593 3.60 30.59 47.36
C THR A 593 2.93 31.19 48.60
N VAL A 594 1.87 30.56 49.11
CA VAL A 594 1.21 31.08 50.31
C VAL A 594 2.07 30.83 51.54
N SER A 595 2.43 29.57 51.77
CA SER A 595 3.29 29.18 52.89
C SER A 595 4.36 28.25 52.35
N PRO A 596 5.46 28.79 51.84
CA PRO A 596 6.54 27.95 51.29
C PRO A 596 7.06 26.93 52.29
N PRO A 597 7.23 27.27 53.58
CA PRO A 597 7.66 26.22 54.53
C PRO A 597 6.72 25.03 54.57
N LEU A 598 5.40 25.28 54.54
CA LEU A 598 4.44 24.19 54.50
C LEU A 598 4.53 23.41 53.19
N ALA A 599 4.71 24.12 52.09
CA ALA A 599 4.80 23.48 50.78
C ALA A 599 6.00 22.54 50.72
N ARG A 600 7.17 23.01 51.15
CA ARG A 600 8.35 22.15 51.16
C ARG A 600 8.14 20.94 52.06
N SER A 601 7.32 21.07 53.11
CA SER A 601 7.06 19.94 53.99
C SER A 601 6.37 18.80 53.25
N GLU A 602 5.34 19.13 52.48
CA GLU A 602 4.61 18.10 51.75
C GLU A 602 5.34 17.60 50.52
N LEU A 603 6.26 18.40 49.97
CA LEU A 603 7.02 17.98 48.79
C LEU A 603 8.05 16.91 49.11
N THR A 604 8.42 16.73 50.38
CA THR A 604 9.32 15.67 50.77
C THR A 604 8.74 14.28 50.53
N GLN A 605 7.43 14.17 50.30
CA GLN A 605 6.78 12.89 50.07
C GLN A 605 6.70 12.51 48.60
N VAL A 606 7.12 13.39 47.70
CA VAL A 606 7.16 13.08 46.28
C VAL A 606 8.34 12.16 46.00
N GLN A 607 8.07 11.05 45.31
CA GLN A 607 9.11 10.09 44.94
C GLN A 607 9.14 9.98 43.43
N GLY A 608 10.24 10.42 42.82
CA GLY A 608 10.37 10.39 41.38
C GLY A 608 9.61 11.51 40.71
N HIS A 609 9.51 11.38 39.38
CA HIS A 609 8.82 12.37 38.55
C HIS A 609 7.54 11.83 37.93
N LEU A 610 7.15 10.59 38.24
CA LEU A 610 6.01 9.95 37.59
C LEU A 610 4.71 10.50 38.15
N VAL A 611 3.89 11.09 37.28
CA VAL A 611 2.55 11.55 37.64
C VAL A 611 1.56 10.99 36.63
N HIS A 612 0.39 10.59 37.11
CA HIS A 612 -0.64 10.05 36.24
C HIS A 612 -1.08 11.10 35.23
N PHE A 613 -1.47 10.64 34.04
CA PHE A 613 -1.94 11.55 33.01
C PHE A 613 -3.40 11.92 33.28
N PRO A 614 -3.74 13.21 33.34
CA PRO A 614 -5.13 13.59 33.60
C PRO A 614 -6.04 13.29 32.42
N LEU A 615 -6.91 12.29 32.57
CA LEU A 615 -7.80 11.88 31.49
C LEU A 615 -9.04 12.75 31.38
N LYS A 616 -9.58 13.23 32.50
CA LYS A 616 -10.79 14.01 32.52
C LYS A 616 -10.55 15.51 32.40
N PHE A 617 -9.33 15.91 32.06
CA PHE A 617 -8.96 17.33 31.99
C PHE A 617 -9.75 18.00 30.86
N LEU A 618 -10.66 18.90 31.23
CA LEU A 618 -11.48 19.65 30.26
C LEU A 618 -12.26 18.70 29.35
N GLU A 619 -12.78 17.61 29.93
CA GLU A 619 -13.50 16.61 29.17
C GLU A 619 -14.93 17.04 28.82
N ASP A 620 -15.36 18.21 29.27
CA ASP A 620 -16.66 18.74 28.90
C ASP A 620 -16.58 19.73 27.74
N GLU A 621 -15.44 19.79 27.04
CA GLU A 621 -15.22 20.82 26.03
C GLU A 621 -15.01 20.22 24.66
N SER A 622 -15.27 21.05 23.64
CA SER A 622 -15.08 20.64 22.25
C SER A 622 -13.63 20.29 21.96
N LEU A 623 -12.69 21.17 22.30
CA LEU A 623 -11.27 21.05 22.01
C LEU A 623 -10.95 21.13 20.52
N LEU A 624 -11.95 21.35 19.65
CA LEU A 624 -11.71 21.54 18.24
C LEU A 624 -11.91 22.99 17.85
N PRO A 625 -11.09 23.53 16.95
CA PRO A 625 -11.11 24.98 16.68
C PRO A 625 -12.06 25.31 15.55
N PRO A 626 -12.78 26.44 15.67
CA PRO A 626 -13.60 27.00 14.59
C PRO A 626 -12.93 28.20 13.92
N GLY A 632 -9.53 25.92 13.00
CA GLY A 632 -10.64 26.31 12.16
C GLY A 632 -10.33 26.20 10.68
N MET A 633 -9.76 27.26 10.10
CA MET A 633 -9.43 27.20 8.68
C MET A 633 -8.39 26.12 8.38
N ILE A 634 -7.66 25.65 9.37
CA ILE A 634 -6.51 24.79 9.15
C ILE A 634 -6.99 23.34 8.91
N PRO A 635 -6.48 22.67 7.88
CA PRO A 635 -6.86 21.26 7.69
C PRO A 635 -6.53 20.44 8.92
N LEU A 636 -7.46 19.56 9.30
CA LEU A 636 -7.22 18.74 10.46
C LEU A 636 -6.07 17.76 10.27
N GLU A 637 -5.60 17.57 9.03
CA GLU A 637 -4.40 16.78 8.79
C GLU A 637 -3.16 17.40 9.42
N VAL A 638 -3.23 18.64 9.91
CA VAL A 638 -2.06 19.30 10.49
C VAL A 638 -1.74 18.73 11.87
N TRP A 639 -2.77 18.45 12.66
CA TRP A 639 -2.58 17.91 14.00
C TRP A 639 -2.65 16.39 14.04
N THR A 640 -3.10 15.75 12.96
CA THR A 640 -3.13 14.29 12.91
C THR A 640 -1.84 13.75 12.30
N ARG B 22 2.58 -14.99 -48.10
CA ARG B 22 3.97 -15.16 -47.70
C ARG B 22 4.21 -16.54 -47.08
N ASP B 23 5.47 -16.93 -46.98
CA ASP B 23 5.84 -18.26 -46.48
C ASP B 23 6.36 -18.15 -45.04
N PHE B 24 6.66 -19.32 -44.46
CA PHE B 24 6.81 -19.44 -43.01
C PHE B 24 8.14 -20.04 -42.59
N LEU B 25 9.18 -19.93 -43.42
CA LEU B 25 10.49 -20.43 -43.03
C LEU B 25 11.23 -19.49 -42.09
N GLN B 26 10.91 -18.20 -42.11
CA GLN B 26 11.61 -17.18 -41.34
C GLN B 26 10.66 -16.53 -40.35
N LEU B 27 11.19 -16.18 -39.17
CA LEU B 27 10.39 -15.49 -38.18
C LEU B 27 10.16 -14.04 -38.58
N HIS B 28 9.00 -13.50 -38.20
CA HIS B 28 8.53 -12.23 -38.70
C HIS B 28 8.53 -11.17 -37.58
N ARG B 29 7.71 -10.14 -37.75
CA ARG B 29 7.59 -9.08 -36.77
C ARG B 29 7.17 -9.64 -35.42
N HIS B 30 7.76 -9.10 -34.35
CA HIS B 30 7.56 -9.57 -32.98
C HIS B 30 7.94 -11.04 -32.82
N ASP B 31 8.83 -11.54 -33.68
CA ASP B 31 9.26 -12.93 -33.66
C ASP B 31 8.08 -13.88 -33.79
N SER B 32 7.26 -13.65 -34.81
CA SER B 32 6.09 -14.45 -35.10
C SER B 32 6.35 -15.38 -36.27
N TYR B 33 5.64 -16.51 -36.27
CA TYR B 33 5.71 -17.41 -37.42
C TYR B 33 4.97 -16.86 -38.62
N ALA B 34 3.98 -15.99 -38.41
CA ALA B 34 3.17 -15.41 -39.46
C ALA B 34 3.48 -13.93 -39.66
N PRO B 35 3.56 -13.46 -40.90
CA PRO B 35 3.80 -12.05 -41.15
C PRO B 35 2.51 -11.24 -41.05
N PRO B 36 2.59 -9.92 -40.96
CA PRO B 36 1.37 -9.11 -40.97
C PRO B 36 0.69 -9.17 -42.32
N ARG B 37 -0.64 -9.31 -42.30
CA ARG B 37 -1.43 -9.48 -43.51
C ARG B 37 -2.24 -8.22 -43.80
N PRO B 38 -1.83 -7.41 -44.76
CA PRO B 38 -2.61 -6.22 -45.11
C PRO B 38 -3.89 -6.60 -45.85
N GLY B 39 -4.79 -5.62 -45.96
CA GLY B 39 -6.05 -5.84 -46.65
C GLY B 39 -6.87 -6.99 -46.09
N THR B 40 -6.90 -7.13 -44.77
CA THR B 40 -7.58 -8.22 -44.10
C THR B 40 -8.91 -7.74 -43.52
N LEU B 41 -9.99 -8.44 -43.86
CA LEU B 41 -11.30 -8.18 -43.28
C LEU B 41 -11.36 -8.77 -41.88
N ALA B 42 -11.65 -7.92 -40.89
CA ALA B 42 -11.72 -8.35 -39.51
C ALA B 42 -12.88 -7.65 -38.81
N ARG B 43 -13.59 -8.39 -37.96
CA ARG B 43 -14.71 -7.87 -37.20
C ARG B 43 -14.60 -8.35 -35.76
N TRP B 44 -14.77 -7.43 -34.81
CA TRP B 44 -14.68 -7.77 -33.39
C TRP B 44 -16.06 -8.13 -32.83
N PHE B 45 -16.05 -8.85 -31.71
CA PHE B 45 -17.25 -9.26 -31.01
C PHE B 45 -17.09 -8.97 -29.53
N VAL B 46 -18.07 -8.28 -28.95
CA VAL B 46 -18.15 -8.09 -27.51
C VAL B 46 -19.23 -9.01 -26.97
N ASN B 47 -18.88 -9.78 -25.93
CA ASN B 47 -19.75 -10.81 -25.35
C ASN B 47 -19.97 -11.94 -26.35
N GLY B 48 -20.48 -13.08 -25.86
CA GLY B 48 -20.64 -14.27 -26.66
C GLY B 48 -21.92 -14.36 -27.48
N ALA B 49 -22.78 -13.34 -27.43
CA ALA B 49 -24.01 -13.39 -28.21
C ALA B 49 -23.70 -13.35 -29.70
N GLY B 50 -23.08 -12.27 -30.17
CA GLY B 50 -22.76 -12.17 -31.57
C GLY B 50 -21.65 -13.10 -32.01
N TYR B 51 -20.78 -13.49 -31.08
CA TYR B 51 -19.69 -14.40 -31.42
C TYR B 51 -20.20 -15.81 -31.71
N PHE B 52 -21.06 -16.34 -30.82
CA PHE B 52 -21.60 -17.67 -31.04
C PHE B 52 -22.54 -17.71 -32.24
N ALA B 53 -23.28 -16.63 -32.48
CA ALA B 53 -24.13 -16.57 -33.67
C ALA B 53 -23.30 -16.54 -34.94
N ALA B 54 -22.11 -15.93 -34.89
CA ALA B 54 -21.26 -15.86 -36.08
C ALA B 54 -20.57 -17.18 -36.36
N VAL B 55 -20.11 -17.89 -35.31
CA VAL B 55 -19.50 -19.19 -35.54
C VAL B 55 -20.56 -20.20 -35.99
N ALA B 56 -21.80 -20.02 -35.56
CA ALA B 56 -22.87 -20.89 -36.02
C ALA B 56 -23.14 -20.66 -37.51
N ASP B 57 -23.20 -19.40 -37.93
CA ASP B 57 -23.37 -19.09 -39.34
C ASP B 57 -22.16 -19.55 -40.14
N ALA B 58 -20.97 -19.46 -39.55
CA ALA B 58 -19.76 -19.85 -40.28
C ALA B 58 -19.70 -21.36 -40.52
N ILE B 59 -20.09 -22.16 -39.52
CA ILE B 59 -20.00 -23.60 -39.72
C ILE B 59 -21.17 -24.10 -40.58
N LEU B 60 -22.25 -23.31 -40.65
CA LEU B 60 -23.33 -23.60 -41.57
C LEU B 60 -22.90 -23.45 -43.02
N ARG B 61 -21.80 -22.74 -43.29
CA ARG B 61 -21.35 -22.55 -44.66
C ARG B 61 -20.07 -23.31 -44.97
N ALA B 62 -19.65 -24.22 -44.09
CA ALA B 62 -18.43 -24.97 -44.30
C ALA B 62 -18.61 -26.00 -45.42
N GLN B 63 -17.62 -26.08 -46.31
CA GLN B 63 -17.67 -27.02 -47.42
C GLN B 63 -16.61 -28.11 -47.37
N GLU B 64 -15.53 -27.91 -46.62
CA GLU B 64 -14.44 -28.89 -46.57
C GLU B 64 -14.07 -29.27 -45.15
N GLU B 65 -13.47 -28.34 -44.41
CA GLU B 65 -12.93 -28.64 -43.08
C GLU B 65 -13.40 -27.60 -42.07
N ILE B 66 -13.43 -28.03 -40.81
CA ILE B 66 -13.68 -27.16 -39.66
C ILE B 66 -12.63 -27.50 -38.61
N PHE B 67 -11.82 -26.51 -38.24
CA PHE B 67 -10.80 -26.69 -37.20
C PHE B 67 -11.28 -26.04 -35.90
N ILE B 68 -11.08 -26.75 -34.79
CA ILE B 68 -11.51 -26.26 -33.48
C ILE B 68 -10.43 -26.57 -32.46
N THR B 69 -9.99 -25.55 -31.73
CA THR B 69 -9.25 -25.70 -30.48
C THR B 69 -10.10 -25.10 -29.36
N ASP B 70 -10.06 -25.73 -28.19
CA ASP B 70 -10.81 -25.21 -27.06
C ASP B 70 -10.18 -25.68 -25.76
N TRP B 71 -10.00 -24.74 -24.83
CA TRP B 71 -9.62 -25.11 -23.47
C TRP B 71 -10.72 -25.90 -22.79
N TRP B 72 -11.98 -25.62 -23.14
CA TRP B 72 -13.11 -26.41 -22.67
C TRP B 72 -14.22 -26.35 -23.71
N LEU B 73 -14.68 -27.51 -24.16
CA LEU B 73 -15.74 -27.62 -25.15
C LEU B 73 -16.91 -28.38 -24.51
N SER B 74 -18.07 -27.72 -24.44
CA SER B 74 -19.29 -28.36 -23.99
C SER B 74 -20.14 -28.68 -25.21
N PRO B 75 -20.31 -29.96 -25.56
CA PRO B 75 -20.94 -30.28 -26.86
C PRO B 75 -22.37 -29.78 -27.01
N GLU B 76 -23.11 -29.63 -25.91
CA GLU B 76 -24.54 -29.31 -25.98
C GLU B 76 -24.81 -27.83 -25.75
N VAL B 77 -23.80 -26.98 -25.89
CA VAL B 77 -24.02 -25.54 -25.77
C VAL B 77 -24.74 -25.04 -27.02
N TYR B 78 -25.58 -24.03 -26.85
CA TYR B 78 -26.37 -23.47 -27.94
C TYR B 78 -25.76 -22.16 -28.41
N LEU B 79 -25.46 -22.09 -29.71
CA LEU B 79 -24.86 -20.89 -30.29
C LEU B 79 -25.89 -19.80 -30.56
N LYS B 80 -27.17 -20.09 -30.44
CA LYS B 80 -28.22 -19.09 -30.53
C LYS B 80 -29.23 -19.33 -29.43
N ARG B 81 -29.85 -18.26 -28.97
CA ARG B 81 -30.77 -18.34 -27.84
C ARG B 81 -32.00 -17.49 -28.10
N PRO B 82 -33.18 -17.90 -27.59
CA PRO B 82 -33.37 -19.13 -26.81
C PRO B 82 -33.44 -20.38 -27.69
N ALA B 83 -32.90 -21.48 -27.19
CA ALA B 83 -32.94 -22.74 -27.92
C ALA B 83 -34.37 -23.25 -27.99
N HIS B 84 -34.86 -23.49 -29.21
CA HIS B 84 -36.19 -24.02 -29.42
C HIS B 84 -36.20 -25.45 -29.95
N SER B 85 -35.11 -25.90 -30.57
CA SER B 85 -35.01 -27.25 -31.10
C SER B 85 -33.56 -27.70 -30.95
N ASP B 86 -33.24 -28.85 -31.54
CA ASP B 86 -31.86 -29.32 -31.55
C ASP B 86 -30.95 -28.41 -32.36
N ASP B 87 -31.52 -27.63 -33.28
CA ASP B 87 -30.72 -26.78 -34.15
C ASP B 87 -30.02 -25.69 -33.35
N TRP B 88 -28.95 -25.15 -33.95
CA TRP B 88 -28.05 -24.15 -33.36
C TRP B 88 -27.19 -24.73 -32.26
N ARG B 89 -27.45 -25.97 -31.84
CA ARG B 89 -26.59 -26.62 -30.87
C ARG B 89 -25.29 -27.06 -31.52
N LEU B 90 -24.21 -27.01 -30.74
CA LEU B 90 -22.88 -27.22 -31.32
C LEU B 90 -22.67 -28.65 -31.81
N ASP B 91 -23.04 -29.64 -30.98
CA ASP B 91 -22.77 -31.03 -31.34
C ASP B 91 -23.55 -31.45 -32.58
N ILE B 92 -24.81 -30.99 -32.69
CA ILE B 92 -25.64 -31.39 -33.82
C ILE B 92 -25.19 -30.70 -35.09
N MET B 93 -24.83 -29.42 -34.99
CA MET B 93 -24.44 -28.67 -36.17
C MET B 93 -23.20 -29.26 -36.84
N LEU B 94 -22.23 -29.69 -36.03
CA LEU B 94 -21.06 -30.36 -36.59
C LEU B 94 -21.40 -31.77 -37.06
N LYS B 95 -22.37 -32.41 -36.41
CA LYS B 95 -22.79 -33.74 -36.86
C LYS B 95 -23.46 -33.68 -38.22
N ARG B 96 -24.29 -32.65 -38.45
CA ARG B 96 -24.95 -32.51 -39.74
C ARG B 96 -23.95 -32.15 -40.83
N LYS B 97 -22.99 -31.27 -40.52
CA LYS B 97 -21.97 -30.92 -41.52
C LYS B 97 -21.05 -32.10 -41.80
N ALA B 98 -20.75 -32.90 -40.78
CA ALA B 98 -19.97 -34.11 -41.00
C ALA B 98 -20.72 -35.10 -41.88
N GLU B 99 -22.05 -35.13 -41.79
CA GLU B 99 -22.84 -35.96 -42.69
C GLU B 99 -22.71 -35.50 -44.13
N GLU B 100 -22.43 -34.21 -44.34
CA GLU B 100 -22.29 -33.64 -45.68
C GLU B 100 -20.89 -33.79 -46.25
N GLY B 101 -19.99 -34.48 -45.55
CA GLY B 101 -18.64 -34.69 -46.02
C GLY B 101 -17.60 -33.75 -45.44
N VAL B 102 -18.00 -32.84 -44.56
CA VAL B 102 -17.08 -31.89 -43.95
C VAL B 102 -16.33 -32.60 -42.82
N ARG B 103 -15.02 -32.66 -42.92
CA ARG B 103 -14.20 -33.27 -41.88
C ARG B 103 -13.93 -32.26 -40.77
N VAL B 104 -14.27 -32.63 -39.55
CA VAL B 104 -14.14 -31.75 -38.39
C VAL B 104 -13.03 -32.31 -37.51
N SER B 105 -11.91 -31.61 -37.44
CA SER B 105 -10.79 -31.96 -36.58
C SER B 105 -10.78 -31.01 -35.38
N ILE B 106 -10.79 -31.58 -34.18
CA ILE B 106 -10.92 -30.81 -32.95
C ILE B 106 -9.76 -31.15 -32.02
N LEU B 107 -9.14 -30.12 -31.45
CA LEU B 107 -8.07 -30.28 -30.48
C LEU B 107 -8.57 -29.80 -29.11
N LEU B 108 -8.53 -30.70 -28.13
CA LEU B 108 -9.00 -30.41 -26.79
C LEU B 108 -7.86 -30.55 -25.79
N PHE B 109 -7.86 -29.67 -24.78
CA PHE B 109 -6.87 -29.76 -23.70
C PHE B 109 -7.35 -30.77 -22.68
N LYS B 110 -6.62 -31.88 -22.55
CA LYS B 110 -6.94 -32.87 -21.53
C LYS B 110 -6.57 -32.34 -20.15
N GLU B 111 -7.58 -32.18 -19.30
CA GLU B 111 -7.37 -31.58 -17.98
C GLU B 111 -6.63 -32.54 -17.06
N VAL B 112 -6.37 -32.07 -15.84
CA VAL B 112 -5.81 -32.89 -14.78
C VAL B 112 -6.93 -33.23 -13.81
N GLU B 113 -7.57 -34.38 -14.00
CA GLU B 113 -8.74 -34.77 -13.21
C GLU B 113 -8.33 -35.27 -11.83
N LEU B 116 -9.03 -30.44 -13.01
CA LEU B 116 -10.19 -29.59 -13.16
C LEU B 116 -11.46 -30.42 -13.29
N GLY B 117 -12.57 -29.74 -13.61
CA GLY B 117 -13.84 -30.42 -13.78
C GLY B 117 -14.44 -30.19 -15.16
N ILE B 118 -13.61 -29.77 -16.11
CA ILE B 118 -14.11 -29.53 -17.47
C ILE B 118 -14.53 -30.82 -18.15
N ASN B 119 -14.05 -31.97 -17.66
CA ASN B 119 -14.44 -33.29 -18.16
C ASN B 119 -14.27 -33.39 -19.67
N SER B 120 -13.01 -33.26 -20.11
CA SER B 120 -12.71 -33.42 -21.53
C SER B 120 -12.95 -34.84 -22.02
N GLY B 121 -12.98 -35.82 -21.11
CA GLY B 121 -13.28 -37.17 -21.52
C GLY B 121 -14.68 -37.31 -22.06
N TYR B 122 -15.66 -36.70 -21.38
CA TYR B 122 -17.02 -36.68 -21.91
C TYR B 122 -17.09 -35.88 -23.20
N SER B 123 -16.36 -34.77 -23.29
CA SER B 123 -16.38 -33.96 -24.50
C SER B 123 -15.78 -34.73 -25.68
N LYS B 124 -14.68 -35.44 -25.46
CA LYS B 124 -14.07 -36.23 -26.52
C LYS B 124 -15.02 -37.31 -27.00
N ARG B 125 -15.62 -38.05 -26.06
CA ARG B 125 -16.58 -39.09 -26.42
C ARG B 125 -17.78 -38.49 -27.15
N ALA B 126 -18.53 -37.62 -26.45
CA ALA B 126 -19.76 -37.07 -27.01
C ALA B 126 -19.59 -36.50 -28.42
N LEU B 127 -18.38 -36.12 -28.80
CA LEU B 127 -18.12 -35.59 -30.13
C LEU B 127 -17.77 -36.67 -31.14
N MET B 128 -16.98 -37.67 -30.73
CA MET B 128 -16.53 -38.69 -31.68
C MET B 128 -17.64 -39.63 -32.10
N LEU B 129 -18.65 -39.82 -31.25
CA LEU B 129 -19.74 -40.72 -31.57
C LEU B 129 -20.84 -40.05 -32.39
N LEU B 130 -20.70 -38.77 -32.73
CA LEU B 130 -21.69 -38.11 -33.59
C LEU B 130 -21.57 -38.57 -35.03
N HIS B 131 -20.34 -38.61 -35.55
CA HIS B 131 -20.11 -38.98 -36.93
C HIS B 131 -18.65 -39.41 -37.08
N PRO B 132 -18.36 -40.38 -37.94
CA PRO B 132 -16.96 -40.74 -38.18
C PRO B 132 -16.14 -39.63 -38.82
N ASN B 133 -16.77 -38.62 -39.42
CA ASN B 133 -16.00 -37.52 -39.97
C ASN B 133 -15.42 -36.62 -38.88
N ILE B 134 -15.98 -36.66 -37.68
CA ILE B 134 -15.52 -35.84 -36.57
C ILE B 134 -14.47 -36.61 -35.79
N LYS B 135 -13.28 -36.01 -35.64
CA LYS B 135 -12.18 -36.63 -34.93
C LYS B 135 -11.60 -35.65 -33.93
N VAL B 136 -11.40 -36.12 -32.71
CA VAL B 136 -10.89 -35.29 -31.61
C VAL B 136 -9.61 -35.92 -31.07
N MET B 137 -8.66 -35.08 -30.68
CA MET B 137 -7.43 -35.49 -30.02
C MET B 137 -7.23 -34.64 -28.78
N ARG B 138 -6.96 -35.30 -27.65
CA ARG B 138 -6.77 -34.63 -26.37
C ARG B 138 -5.29 -34.64 -25.99
N HIS B 139 -4.80 -33.48 -25.55
CA HIS B 139 -3.41 -33.28 -25.21
C HIS B 139 -3.33 -32.27 -24.08
N PRO B 140 -2.42 -32.47 -23.11
CA PRO B 140 -1.47 -33.57 -23.02
C PRO B 140 -1.88 -34.67 -22.04
N ASP B 141 -1.37 -35.88 -22.27
CA ASP B 141 -1.49 -36.96 -21.30
C ASP B 141 -0.41 -36.88 -20.24
N GLN B 142 0.80 -36.48 -20.64
CA GLN B 142 1.86 -36.11 -19.73
C GLN B 142 1.38 -35.00 -18.82
N VAL B 143 1.21 -35.30 -17.53
CA VAL B 143 0.55 -34.36 -16.62
C VAL B 143 1.42 -33.11 -16.46
N THR B 144 0.81 -31.94 -16.66
CA THR B 144 1.54 -30.70 -16.85
C THR B 144 0.94 -29.61 -15.98
N LEU B 145 1.78 -28.64 -15.60
CA LEU B 145 1.28 -27.46 -14.91
C LEU B 145 0.45 -26.59 -15.84
N TRP B 146 0.76 -26.60 -17.13
CA TRP B 146 0.20 -25.68 -18.11
C TRP B 146 -0.87 -26.37 -18.94
N ALA B 147 -1.43 -25.63 -19.90
CA ALA B 147 -2.62 -26.09 -20.61
C ALA B 147 -2.60 -25.57 -22.03
N HIS B 148 -3.57 -26.03 -22.81
CA HIS B 148 -3.88 -25.48 -24.12
C HIS B 148 -5.04 -24.52 -23.93
N HIS B 149 -4.76 -23.22 -24.00
CA HIS B 149 -5.72 -22.20 -23.65
C HIS B 149 -6.26 -21.43 -24.86
N GLU B 150 -5.76 -21.68 -26.05
CA GLU B 150 -6.23 -20.95 -27.22
C GLU B 150 -7.64 -21.38 -27.60
N LYS B 151 -8.44 -20.41 -28.02
CA LYS B 151 -9.80 -20.66 -28.51
C LYS B 151 -9.83 -20.32 -29.99
N LEU B 152 -10.13 -21.31 -30.82
CA LEU B 152 -10.03 -21.11 -32.26
C LEU B 152 -11.06 -21.96 -32.97
N LEU B 153 -11.71 -21.36 -33.98
CA LEU B 153 -12.57 -22.07 -34.91
C LEU B 153 -12.27 -21.55 -36.30
N VAL B 154 -11.77 -22.42 -37.18
CA VAL B 154 -11.43 -22.04 -38.55
C VAL B 154 -12.31 -22.84 -39.50
N VAL B 155 -13.01 -22.14 -40.38
CA VAL B 155 -13.88 -22.75 -41.38
C VAL B 155 -13.19 -22.66 -42.73
N ASP B 156 -12.97 -23.82 -43.36
CA ASP B 156 -12.39 -23.93 -44.70
C ASP B 156 -11.07 -23.19 -44.83
N GLN B 157 -10.38 -22.95 -43.71
CA GLN B 157 -9.07 -22.32 -43.66
C GLN B 157 -9.07 -20.88 -44.18
N VAL B 158 -10.23 -20.23 -44.27
CA VAL B 158 -10.27 -18.85 -44.77
C VAL B 158 -11.09 -17.95 -43.86
N VAL B 159 -11.82 -18.54 -42.92
CA VAL B 159 -12.53 -17.80 -41.90
C VAL B 159 -12.13 -18.37 -40.54
N ALA B 160 -11.58 -17.52 -39.68
CA ALA B 160 -11.04 -17.95 -38.40
C ALA B 160 -11.60 -17.09 -37.28
N PHE B 161 -12.09 -17.75 -36.23
CA PHE B 161 -12.55 -17.09 -35.01
C PHE B 161 -11.57 -17.36 -33.89
N LEU B 162 -11.31 -16.36 -33.07
CA LEU B 162 -10.48 -16.54 -31.88
C LEU B 162 -10.79 -15.42 -30.89
N GLY B 163 -10.20 -15.55 -29.71
CA GLY B 163 -10.46 -14.61 -28.63
C GLY B 163 -10.50 -15.31 -27.28
N GLY B 164 -11.24 -14.76 -26.33
CA GLY B 164 -11.33 -15.36 -25.02
C GLY B 164 -12.51 -16.28 -24.81
N LEU B 165 -13.40 -16.40 -25.80
CA LEU B 165 -14.65 -17.14 -25.64
C LEU B 165 -14.42 -18.62 -25.99
N ASP B 166 -14.42 -19.46 -24.97
CA ASP B 166 -14.51 -20.90 -25.22
C ASP B 166 -15.94 -21.26 -25.60
N LEU B 167 -16.08 -22.33 -26.38
CA LEU B 167 -17.40 -22.86 -26.71
C LEU B 167 -17.86 -23.75 -25.56
N ALA B 168 -18.26 -23.10 -24.46
CA ALA B 168 -18.55 -23.80 -23.23
C ALA B 168 -19.66 -23.07 -22.48
N TYR B 169 -20.01 -23.61 -21.31
CA TYR B 169 -21.11 -23.08 -20.52
C TYR B 169 -20.71 -21.80 -19.79
N GLY B 170 -21.70 -20.95 -19.55
CA GLY B 170 -21.49 -19.69 -18.85
C GLY B 170 -20.93 -18.56 -19.69
N ARG B 171 -20.57 -18.83 -20.95
CA ARG B 171 -19.92 -17.83 -21.77
C ARG B 171 -20.90 -16.93 -22.52
N TRP B 172 -22.06 -17.45 -22.92
CA TRP B 172 -23.00 -16.67 -23.69
C TRP B 172 -23.59 -15.54 -22.86
N ASP B 173 -23.54 -14.32 -23.40
CA ASP B 173 -24.11 -13.15 -22.76
C ASP B 173 -24.19 -12.03 -23.80
N ASP B 174 -24.92 -10.98 -23.45
CA ASP B 174 -25.05 -9.80 -24.31
C ASP B 174 -25.00 -8.56 -23.43
N LEU B 175 -25.36 -7.40 -24.01
CA LEU B 175 -25.18 -6.13 -23.33
C LEU B 175 -26.02 -6.02 -22.08
N HIS B 176 -27.16 -6.71 -22.03
CA HIS B 176 -28.06 -6.59 -20.89
C HIS B 176 -27.46 -7.18 -19.63
N TYR B 177 -26.59 -8.19 -19.77
CA TYR B 177 -25.95 -8.86 -18.64
C TYR B 177 -26.99 -9.28 -17.61
N ARG B 178 -27.94 -10.09 -18.07
CA ARG B 178 -29.04 -10.52 -17.20
C ARG B 178 -28.51 -11.37 -16.06
N LEU B 179 -28.90 -11.02 -14.84
CA LEU B 179 -28.62 -11.84 -13.68
C LEU B 179 -29.72 -12.86 -13.40
N THR B 180 -30.93 -12.64 -13.92
CA THR B 180 -32.01 -13.60 -13.76
C THR B 180 -32.37 -14.23 -15.10
N ASP B 181 -32.97 -15.42 -15.02
CA ASP B 181 -33.41 -16.17 -16.19
C ASP B 181 -34.57 -17.07 -15.80
N LEU B 182 -35.71 -16.46 -15.43
CA LEU B 182 -36.82 -17.19 -14.86
C LEU B 182 -37.87 -17.62 -15.88
N GLY B 183 -37.85 -17.04 -17.08
CA GLY B 183 -38.83 -17.40 -18.10
C GLY B 183 -40.10 -16.58 -18.01
N ASP B 205 -37.48 -31.27 -24.25
CA ASP B 205 -37.87 -30.59 -25.47
C ASP B 205 -37.94 -29.08 -25.21
N LEU B 206 -37.51 -28.30 -26.20
CA LEU B 206 -37.32 -26.86 -26.04
C LEU B 206 -38.36 -26.05 -26.80
N SER B 207 -39.49 -26.66 -27.15
CA SER B 207 -40.42 -25.95 -28.01
C SER B 207 -41.14 -24.86 -27.24
N HIS B 208 -41.27 -25.03 -25.91
CA HIS B 208 -41.78 -24.03 -24.97
C HIS B 208 -40.70 -23.13 -24.39
N ASN B 209 -39.45 -23.29 -24.76
CA ASN B 209 -38.37 -22.79 -23.94
C ASN B 209 -38.23 -21.28 -24.05
N GLN B 210 -38.21 -20.61 -22.90
CA GLN B 210 -37.94 -19.17 -22.83
C GLN B 210 -36.69 -18.86 -22.02
N PHE B 211 -35.91 -19.88 -21.66
CA PHE B 211 -34.66 -19.66 -20.92
C PHE B 211 -33.52 -19.41 -21.88
N PHE B 212 -32.65 -18.47 -21.52
CA PHE B 212 -31.44 -18.22 -22.30
C PHE B 212 -30.28 -19.11 -21.88
N TRP B 213 -30.19 -19.45 -20.59
CA TRP B 213 -29.15 -20.35 -20.08
C TRP B 213 -29.85 -21.60 -19.56
N LEU B 214 -29.62 -22.73 -20.23
CA LEU B 214 -30.30 -23.97 -19.93
C LEU B 214 -29.39 -24.92 -19.17
N GLY B 215 -29.90 -25.45 -18.06
CA GLY B 215 -29.17 -26.47 -17.32
C GLY B 215 -27.85 -25.95 -16.80
N LYS B 216 -26.76 -26.62 -17.20
CA LYS B 216 -25.43 -26.24 -16.75
C LYS B 216 -24.97 -24.91 -17.31
N ASP B 217 -25.65 -24.38 -18.34
CA ASP B 217 -25.26 -23.09 -18.91
C ASP B 217 -25.60 -21.93 -17.98
N TYR B 218 -26.56 -22.11 -17.07
CA TYR B 218 -26.87 -21.11 -16.06
C TYR B 218 -25.93 -21.32 -14.88
N SER B 219 -24.96 -20.41 -14.72
CA SER B 219 -23.88 -20.62 -13.78
C SER B 219 -23.52 -19.34 -13.05
N ASN B 220 -23.00 -19.50 -11.84
CA ASN B 220 -22.32 -18.45 -11.10
C ASN B 220 -20.94 -18.97 -10.72
N LEU B 221 -19.90 -18.30 -11.22
CA LEU B 221 -18.55 -18.87 -11.14
C LEU B 221 -18.07 -18.98 -9.70
N ILE B 222 -18.29 -17.95 -8.89
CA ILE B 222 -17.73 -17.92 -7.55
C ILE B 222 -18.56 -18.73 -6.57
N THR B 223 -19.85 -18.91 -6.83
CA THR B 223 -20.70 -19.67 -5.92
C THR B 223 -20.31 -21.14 -5.91
N LYS B 224 -20.38 -21.80 -7.07
CA LYS B 224 -20.06 -23.21 -7.15
C LYS B 224 -19.53 -23.56 -8.53
N ASP B 225 -18.50 -24.40 -8.56
CA ASP B 225 -17.96 -24.88 -9.83
C ASP B 225 -18.91 -25.89 -10.46
N TRP B 226 -18.76 -26.07 -11.77
CA TRP B 226 -19.69 -26.89 -12.54
C TRP B 226 -19.72 -28.32 -12.02
N VAL B 227 -20.90 -28.93 -12.11
CA VAL B 227 -21.11 -30.30 -11.66
C VAL B 227 -21.70 -31.10 -12.82
N GLN B 228 -21.42 -32.42 -12.81
CA GLN B 228 -22.05 -33.42 -13.67
C GLN B 228 -22.28 -32.91 -15.10
N LEU B 229 -21.22 -32.90 -15.92
CA LEU B 229 -21.37 -32.37 -17.27
C LEU B 229 -22.00 -33.36 -18.22
N ASP B 230 -22.21 -34.62 -17.83
CA ASP B 230 -22.96 -35.55 -18.66
C ASP B 230 -24.46 -35.39 -18.51
N ARG B 231 -24.91 -34.59 -17.55
CA ARG B 231 -26.31 -34.19 -17.43
C ARG B 231 -26.40 -32.71 -17.76
N PRO B 232 -26.34 -32.34 -19.04
CA PRO B 232 -26.15 -30.92 -19.39
C PRO B 232 -27.40 -30.08 -19.25
N PHE B 233 -28.59 -30.67 -19.22
CA PHE B 233 -29.83 -29.93 -19.16
C PHE B 233 -30.45 -29.93 -17.76
N GLU B 234 -29.64 -30.20 -16.74
CA GLU B 234 -30.06 -30.13 -15.35
C GLU B 234 -29.41 -28.94 -14.66
N ASP B 235 -30.10 -28.38 -13.69
CA ASP B 235 -29.56 -27.27 -12.93
C ASP B 235 -28.65 -27.76 -11.80
N PHE B 236 -27.62 -26.96 -11.50
CA PHE B 236 -26.78 -27.22 -10.35
C PHE B 236 -26.74 -26.07 -9.34
N ILE B 237 -27.31 -24.90 -9.69
CA ILE B 237 -27.62 -23.87 -8.72
C ILE B 237 -29.12 -23.58 -8.82
N ASP B 238 -29.72 -23.18 -7.70
CA ASP B 238 -31.14 -22.87 -7.69
C ASP B 238 -31.39 -21.61 -8.50
N ARG B 239 -32.26 -21.72 -9.50
CA ARG B 239 -32.52 -20.59 -10.40
C ARG B 239 -33.18 -19.43 -9.65
N GLU B 240 -34.14 -19.73 -8.77
CA GLU B 240 -34.92 -18.70 -8.12
C GLU B 240 -34.23 -18.08 -6.91
N THR B 241 -33.10 -18.63 -6.48
CA THR B 241 -32.38 -18.06 -5.34
C THR B 241 -31.01 -17.50 -5.69
N THR B 242 -30.31 -18.07 -6.67
CA THR B 242 -28.94 -17.65 -6.97
C THR B 242 -28.89 -17.00 -8.34
N PRO B 243 -28.51 -15.72 -8.43
CA PRO B 243 -28.34 -15.09 -9.74
C PRO B 243 -27.10 -15.61 -10.44
N ARG B 244 -27.12 -15.56 -11.77
CA ARG B 244 -25.96 -15.96 -12.55
C ARG B 244 -24.91 -14.84 -12.55
N MET B 245 -23.68 -15.23 -12.88
CA MET B 245 -22.60 -14.27 -13.02
C MET B 245 -22.45 -13.90 -14.48
N PRO B 246 -22.75 -12.67 -14.88
CA PRO B 246 -22.61 -12.30 -16.29
C PRO B 246 -21.19 -12.46 -16.78
N TRP B 247 -21.06 -12.75 -18.08
CA TRP B 247 -19.79 -13.06 -18.72
C TRP B 247 -19.53 -12.02 -19.79
N ARG B 248 -18.50 -11.20 -19.60
CA ARG B 248 -18.03 -10.27 -20.61
C ARG B 248 -16.74 -10.80 -21.23
N ASP B 249 -16.67 -10.77 -22.55
CA ASP B 249 -15.53 -11.31 -23.27
C ASP B 249 -15.44 -10.61 -24.62
N VAL B 250 -14.34 -10.87 -25.32
CA VAL B 250 -14.08 -10.26 -26.62
C VAL B 250 -13.66 -11.34 -27.59
N GLY B 251 -14.32 -11.36 -28.76
CA GLY B 251 -13.94 -12.26 -29.84
C GLY B 251 -13.73 -11.47 -31.12
N VAL B 252 -13.13 -12.13 -32.11
CA VAL B 252 -12.80 -11.49 -33.37
C VAL B 252 -12.74 -12.54 -34.47
N VAL B 253 -13.18 -12.16 -35.66
CA VAL B 253 -13.15 -13.03 -36.83
C VAL B 253 -12.30 -12.35 -37.90
N VAL B 254 -11.41 -13.12 -38.53
CA VAL B 254 -10.57 -12.62 -39.59
C VAL B 254 -10.74 -13.49 -40.82
N HIS B 255 -10.52 -12.90 -41.99
CA HIS B 255 -10.70 -13.56 -43.26
C HIS B 255 -9.39 -13.61 -44.04
N GLY B 256 -9.28 -14.61 -44.92
CA GLY B 256 -8.16 -14.70 -45.82
C GLY B 256 -6.89 -15.26 -45.22
N LEU B 257 -5.76 -14.63 -45.57
CA LEU B 257 -4.46 -15.18 -45.16
C LEU B 257 -4.25 -15.26 -43.65
N PRO B 258 -4.72 -14.32 -42.82
CA PRO B 258 -4.60 -14.55 -41.37
C PRO B 258 -5.32 -15.79 -40.91
N ALA B 259 -6.42 -16.16 -41.57
CA ALA B 259 -7.11 -17.40 -41.23
C ALA B 259 -6.29 -18.61 -41.64
N ARG B 260 -5.57 -18.51 -42.77
CA ARG B 260 -4.63 -19.55 -43.15
C ARG B 260 -3.49 -19.65 -42.15
N ASP B 261 -3.01 -18.51 -41.65
CA ASP B 261 -1.99 -18.53 -40.62
C ASP B 261 -2.50 -19.22 -39.36
N LEU B 262 -3.74 -18.91 -38.97
CA LEU B 262 -4.32 -19.57 -37.79
C LEU B 262 -4.60 -21.04 -38.07
N ALA B 263 -5.03 -21.36 -39.29
CA ALA B 263 -5.22 -22.77 -39.66
C ALA B 263 -3.88 -23.51 -39.69
N ARG B 264 -2.79 -22.79 -39.94
CA ARG B 264 -1.48 -23.41 -39.99
C ARG B 264 -1.01 -23.82 -38.60
N HIS B 265 -1.24 -22.97 -37.60
CA HIS B 265 -0.90 -23.33 -36.23
C HIS B 265 -1.70 -24.53 -35.76
N PHE B 266 -2.99 -24.57 -36.10
CA PHE B 266 -3.80 -25.74 -35.80
C PHE B 266 -3.23 -26.97 -36.49
N ILE B 267 -2.92 -26.86 -37.78
CA ILE B 267 -2.35 -27.97 -38.53
C ILE B 267 -1.01 -28.37 -37.95
N GLN B 268 -0.16 -27.39 -37.64
CA GLN B 268 1.11 -27.69 -36.97
C GLN B 268 0.86 -28.39 -35.64
N ARG B 269 -0.10 -27.88 -34.85
CA ARG B 269 -0.46 -28.55 -33.60
C ARG B 269 -0.99 -29.95 -33.88
N TRP B 270 -2.03 -30.05 -34.70
CA TRP B 270 -2.67 -31.33 -34.99
C TRP B 270 -1.64 -32.39 -35.40
N ASN B 271 -0.77 -32.06 -36.35
CA ASN B 271 0.21 -33.03 -36.81
C ASN B 271 1.26 -33.32 -35.75
N PHE B 272 1.53 -32.36 -34.86
CA PHE B 272 2.46 -32.61 -33.77
C PHE B 272 1.84 -33.53 -32.73
N THR B 273 0.59 -33.31 -32.36
CA THR B 273 -0.06 -34.15 -31.37
C THR B 273 -0.50 -35.49 -31.93
N LYS B 274 -0.44 -35.71 -33.24
CA LYS B 274 -0.64 -37.04 -33.77
C LYS B 274 0.56 -37.93 -33.47
N THR B 275 1.74 -37.34 -33.36
CA THR B 275 2.98 -38.05 -33.07
C THR B 275 3.12 -38.43 -31.60
N THR B 276 2.06 -38.30 -30.81
CA THR B 276 2.17 -38.48 -29.37
C THR B 276 2.11 -39.94 -28.94
N LYS B 277 1.79 -40.86 -29.88
CA LYS B 277 1.82 -42.32 -29.77
C LYS B 277 0.42 -42.91 -29.63
N ALA B 278 0.30 -44.21 -29.93
CA ALA B 278 -0.93 -44.99 -29.88
C ALA B 278 -1.89 -44.59 -30.99
N LYS B 279 -3.19 -44.49 -30.64
CA LYS B 279 -4.23 -44.36 -31.65
C LYS B 279 -4.07 -43.09 -32.49
N TYR B 280 -3.42 -42.07 -31.95
CA TYR B 280 -3.27 -40.82 -32.69
C TYR B 280 -2.39 -41.01 -33.92
N LYS B 281 -1.40 -41.89 -33.85
CA LYS B 281 -0.49 -42.09 -34.99
C LYS B 281 -1.12 -42.94 -36.09
N THR B 282 -1.89 -43.96 -35.71
CA THR B 282 -2.50 -44.83 -36.70
C THR B 282 -3.44 -44.04 -37.59
N PRO B 283 -3.40 -44.23 -38.91
CA PRO B 283 -4.03 -43.28 -39.84
C PRO B 283 -5.55 -43.18 -39.78
N THR B 284 -6.17 -43.50 -38.64
CA THR B 284 -7.57 -43.11 -38.47
C THR B 284 -7.67 -41.62 -38.17
N TYR B 285 -6.62 -41.04 -37.60
CA TYR B 285 -6.43 -39.60 -37.60
C TYR B 285 -5.41 -39.27 -38.67
N PRO B 286 -5.77 -38.57 -39.73
CA PRO B 286 -4.81 -38.28 -40.81
C PRO B 286 -4.04 -37.00 -40.54
N TYR B 287 -2.94 -36.85 -41.28
CA TYR B 287 -2.21 -35.60 -41.25
C TYR B 287 -3.00 -34.54 -42.01
N LEU B 288 -2.93 -33.31 -41.52
CA LEU B 288 -3.66 -32.19 -42.10
C LEU B 288 -2.71 -31.31 -42.88
N LEU B 289 -3.19 -30.75 -43.99
CA LEU B 289 -2.37 -29.94 -44.86
C LEU B 289 -2.98 -28.55 -45.02
N PRO B 290 -2.18 -27.50 -44.92
CA PRO B 290 -2.71 -26.15 -45.17
C PRO B 290 -2.75 -25.86 -46.66
N LYS B 291 -3.80 -25.15 -47.08
CA LYS B 291 -3.88 -24.72 -48.48
C LYS B 291 -2.96 -23.53 -48.70
N SER B 292 -2.49 -23.36 -49.92
CA SER B 292 -1.46 -22.36 -50.13
C SER B 292 -2.02 -21.09 -50.77
N LEU B 303 -16.18 -3.28 -48.12
CA LEU B 303 -17.55 -3.69 -48.35
C LEU B 303 -18.20 -3.86 -46.98
N PRO B 304 -19.37 -3.27 -46.76
CA PRO B 304 -19.91 -3.19 -45.40
C PRO B 304 -20.00 -4.55 -44.73
N GLY B 305 -19.80 -4.55 -43.41
CA GLY B 305 -19.97 -5.71 -42.58
C GLY B 305 -18.71 -6.23 -41.93
N GLY B 306 -17.54 -5.71 -42.31
CA GLY B 306 -16.28 -6.03 -41.68
C GLY B 306 -15.43 -4.78 -41.71
N GLN B 307 -14.12 -4.90 -41.46
CA GLN B 307 -13.23 -3.77 -41.57
C GLN B 307 -11.92 -4.22 -42.18
N CYS B 308 -11.49 -3.53 -43.24
CA CYS B 308 -10.22 -3.80 -43.90
C CYS B 308 -9.10 -3.28 -43.01
N THR B 309 -8.40 -4.19 -42.33
CA THR B 309 -7.29 -3.82 -41.47
C THR B 309 -6.05 -4.63 -41.87
N THR B 310 -4.94 -4.35 -41.19
CA THR B 310 -3.76 -5.20 -41.26
C THR B 310 -3.73 -6.05 -40.00
N VAL B 311 -3.63 -7.37 -40.18
CA VAL B 311 -3.70 -8.32 -39.09
C VAL B 311 -2.45 -9.18 -39.10
N GLN B 312 -1.86 -9.38 -37.92
CA GLN B 312 -0.76 -10.32 -37.72
C GLN B 312 -1.16 -11.32 -36.64
N VAL B 313 -1.00 -12.61 -36.95
CA VAL B 313 -1.31 -13.65 -35.98
C VAL B 313 -0.12 -13.83 -35.05
N LEU B 314 -0.40 -13.90 -33.74
CA LEU B 314 0.62 -14.08 -32.72
C LEU B 314 0.25 -15.26 -31.83
N ARG B 315 1.27 -15.97 -31.34
CA ARG B 315 1.00 -17.14 -30.53
C ARG B 315 2.05 -17.28 -29.44
N SER B 316 1.73 -18.13 -28.47
CA SER B 316 2.66 -18.56 -27.42
C SER B 316 2.67 -20.09 -27.44
N VAL B 317 3.80 -20.68 -27.82
CA VAL B 317 3.92 -22.13 -27.87
C VAL B 317 5.28 -22.55 -27.31
N ASP B 318 5.38 -23.82 -26.95
CA ASP B 318 6.60 -24.40 -26.41
C ASP B 318 6.82 -25.76 -27.08
N ARG B 319 7.95 -26.39 -26.77
CA ARG B 319 8.22 -27.73 -27.28
C ARG B 319 7.21 -28.75 -26.74
N TRP B 320 6.55 -28.45 -25.63
CA TRP B 320 5.54 -29.36 -25.11
C TRP B 320 4.18 -29.14 -25.77
N SER B 321 3.82 -27.88 -26.00
CA SER B 321 2.52 -27.59 -26.62
C SER B 321 2.55 -27.80 -28.12
N ALA B 322 3.60 -27.33 -28.78
CA ALA B 322 3.79 -27.57 -30.21
C ALA B 322 5.19 -28.09 -30.45
N GLY B 323 5.77 -27.77 -31.60
CA GLY B 323 7.13 -28.20 -31.88
C GLY B 323 8.17 -27.14 -31.61
N THR B 324 7.76 -25.87 -31.68
CA THR B 324 8.67 -24.72 -31.64
C THR B 324 8.47 -23.95 -30.35
N LEU B 325 9.41 -23.07 -30.05
CA LEU B 325 9.26 -22.05 -29.02
C LEU B 325 8.87 -20.74 -29.67
N GLU B 326 7.92 -20.03 -29.06
CA GLU B 326 7.49 -18.73 -29.59
C GLU B 326 6.73 -17.99 -28.50
N ASN B 327 7.06 -16.71 -28.30
CA ASN B 327 6.32 -15.84 -27.40
C ASN B 327 6.02 -14.53 -28.11
N SER B 328 5.31 -14.65 -29.24
CA SER B 328 4.98 -13.48 -30.05
C SER B 328 3.83 -12.68 -29.46
N ILE B 329 3.03 -13.29 -28.59
CA ILE B 329 1.99 -12.54 -27.89
C ILE B 329 2.59 -11.66 -26.79
N LEU B 330 3.79 -11.99 -26.32
CA LEU B 330 4.45 -11.12 -25.35
C LEU B 330 5.12 -9.93 -26.03
N ASN B 331 5.70 -10.15 -27.21
CA ASN B 331 6.53 -9.13 -27.84
C ASN B 331 5.71 -7.96 -28.37
N ALA B 332 4.59 -8.25 -29.05
CA ALA B 332 3.76 -7.16 -29.57
C ALA B 332 3.02 -6.44 -28.47
N TYR B 333 2.81 -7.09 -27.32
CA TYR B 333 2.32 -6.39 -26.15
C TYR B 333 3.35 -5.40 -25.66
N LEU B 334 4.60 -5.84 -25.53
CA LEU B 334 5.68 -4.92 -25.16
C LEU B 334 5.81 -3.80 -26.18
N HIS B 335 5.65 -4.12 -27.47
CA HIS B 335 5.88 -3.12 -28.52
C HIS B 335 4.74 -2.12 -28.60
N THR B 336 3.49 -2.59 -28.50
CA THR B 336 2.35 -1.69 -28.58
C THR B 336 2.31 -0.73 -27.39
N ILE B 337 2.77 -1.19 -26.22
CA ILE B 337 2.84 -0.30 -25.07
C ILE B 337 3.99 0.69 -25.21
N ARG B 338 5.16 0.21 -25.64
CA ARG B 338 6.33 1.06 -25.71
C ARG B 338 6.18 2.15 -26.78
N GLU B 339 5.40 1.89 -27.82
CA GLU B 339 5.20 2.86 -28.89
C GLU B 339 3.88 3.60 -28.78
N SER B 340 3.10 3.36 -27.74
CA SER B 340 1.83 4.05 -27.57
C SER B 340 2.06 5.53 -27.33
N GLN B 341 1.23 6.37 -27.95
CA GLN B 341 1.40 7.81 -27.88
C GLN B 341 0.32 8.53 -27.09
N HIS B 342 -0.81 7.88 -26.81
CA HIS B 342 -1.94 8.62 -26.25
C HIS B 342 -2.63 7.88 -25.11
N PHE B 343 -3.05 6.63 -25.34
CA PHE B 343 -3.74 5.91 -24.28
C PHE B 343 -3.60 4.40 -24.50
N LEU B 344 -3.96 3.65 -23.45
CA LEU B 344 -4.03 2.20 -23.48
C LEU B 344 -5.30 1.77 -22.75
N TYR B 345 -6.13 0.97 -23.42
CA TYR B 345 -7.31 0.38 -22.80
C TYR B 345 -7.06 -1.13 -22.65
N ILE B 346 -6.87 -1.58 -21.42
CA ILE B 346 -6.56 -2.97 -21.12
C ILE B 346 -7.75 -3.58 -20.39
N GLU B 347 -8.37 -4.58 -21.01
CA GLU B 347 -9.46 -5.35 -20.41
C GLU B 347 -9.01 -6.81 -20.40
N ASN B 348 -8.61 -7.30 -19.23
CA ASN B 348 -8.03 -8.64 -19.14
C ASN B 348 -8.55 -9.35 -17.90
N GLN B 349 -8.70 -10.67 -18.03
CA GLN B 349 -9.11 -11.49 -16.89
C GLN B 349 -8.08 -11.44 -15.76
N PHE B 350 -6.79 -11.45 -16.11
CA PHE B 350 -5.72 -11.42 -15.13
C PHE B 350 -4.80 -10.24 -15.41
N PHE B 351 -4.09 -9.82 -14.35
CA PHE B 351 -3.17 -8.69 -14.42
C PHE B 351 -2.03 -8.95 -13.43
N ILE B 352 -1.16 -9.91 -13.78
CA ILE B 352 -0.06 -10.32 -12.92
C ILE B 352 1.23 -10.06 -13.70
N SER B 353 1.91 -8.96 -13.38
CA SER B 353 3.11 -8.59 -14.12
C SER B 353 4.03 -7.81 -13.18
N CYS B 354 4.88 -6.94 -13.77
CA CYS B 354 5.96 -6.25 -13.06
C CYS B 354 7.01 -7.25 -12.59
N SER B 355 8.07 -7.39 -13.37
CA SER B 355 9.04 -8.47 -13.18
C SER B 355 9.97 -8.21 -12.01
N ASP B 356 10.32 -9.26 -11.29
CA ASP B 356 11.37 -9.23 -10.29
C ASP B 356 12.54 -10.15 -10.59
N GLY B 357 12.39 -11.09 -11.51
CA GLY B 357 13.42 -12.04 -11.86
C GLY B 357 13.29 -13.40 -11.19
N ARG B 358 12.36 -13.55 -10.23
CA ARG B 358 12.21 -14.79 -9.50
C ARG B 358 10.85 -15.44 -9.71
N THR B 359 9.77 -14.77 -9.32
CA THR B 359 8.43 -15.35 -9.39
C THR B 359 7.58 -14.81 -10.53
N VAL B 360 7.80 -13.55 -10.92
CA VAL B 360 7.09 -12.92 -12.02
C VAL B 360 8.14 -12.41 -13.01
N LEU B 361 7.97 -12.76 -14.28
CA LEU B 361 9.02 -12.50 -15.27
C LEU B 361 8.56 -11.65 -16.46
N ASN B 362 7.30 -11.71 -16.86
CA ASN B 362 6.85 -10.88 -17.96
C ASN B 362 6.84 -9.41 -17.53
N LYS B 363 7.30 -8.55 -18.42
CA LYS B 363 7.51 -7.12 -18.11
C LYS B 363 6.45 -6.25 -18.74
N VAL B 364 5.19 -6.69 -18.73
CA VAL B 364 4.12 -5.88 -19.31
C VAL B 364 3.82 -4.68 -18.42
N GLY B 365 3.77 -4.90 -17.10
CA GLY B 365 3.58 -3.81 -16.17
C GLY B 365 4.78 -2.86 -16.12
N ASP B 366 5.97 -3.39 -16.36
CA ASP B 366 7.16 -2.52 -16.41
C ASP B 366 7.09 -1.60 -17.62
N GLU B 367 6.57 -2.09 -18.74
CA GLU B 367 6.40 -1.22 -19.91
C GLU B 367 5.32 -0.18 -19.68
N ILE B 368 4.27 -0.52 -18.91
CA ILE B 368 3.24 0.47 -18.60
C ILE B 368 3.78 1.52 -17.63
N VAL B 369 4.58 1.09 -16.66
CA VAL B 369 5.21 2.05 -15.74
C VAL B 369 6.12 2.99 -16.52
N ASP B 370 6.98 2.42 -17.36
CA ASP B 370 7.94 3.24 -18.10
C ASP B 370 7.25 4.17 -19.08
N ARG B 371 6.12 3.75 -19.65
CA ARG B 371 5.40 4.61 -20.59
C ARG B 371 4.76 5.79 -19.86
N ILE B 372 4.23 5.55 -18.66
CA ILE B 372 3.61 6.62 -17.91
C ILE B 372 4.66 7.59 -17.38
N LEU B 373 5.74 7.06 -16.79
CA LEU B 373 6.84 7.93 -16.35
C LEU B 373 7.39 8.76 -17.51
N LYS B 374 7.47 8.16 -18.69
CA LYS B 374 7.95 8.87 -19.87
C LYS B 374 7.00 10.00 -20.25
N ALA B 375 5.70 9.70 -20.30
CA ALA B 375 4.72 10.73 -20.63
C ALA B 375 4.70 11.84 -19.58
N HIS B 376 4.83 11.46 -18.31
CA HIS B 376 4.90 12.47 -17.25
C HIS B 376 6.16 13.31 -17.38
N LYS B 377 7.29 12.69 -17.76
CA LYS B 377 8.53 13.44 -17.89
C LYS B 377 8.45 14.47 -19.01
N GLN B 378 7.84 14.11 -20.14
CA GLN B 378 7.67 15.05 -21.23
C GLN B 378 6.35 15.81 -21.18
N GLY B 379 5.44 15.44 -20.27
CA GLY B 379 4.26 16.22 -20.01
C GLY B 379 3.10 16.02 -20.96
N TRP B 380 3.13 14.98 -21.80
CA TRP B 380 2.02 14.75 -22.70
C TRP B 380 0.80 14.22 -21.94
N CYS B 381 -0.35 14.27 -22.60
CA CYS B 381 -1.56 13.67 -22.06
C CYS B 381 -1.55 12.18 -22.36
N TYR B 382 -1.69 11.36 -21.33
CA TYR B 382 -1.58 9.91 -21.50
C TYR B 382 -2.41 9.22 -20.43
N ARG B 383 -3.29 8.31 -20.87
CA ARG B 383 -4.19 7.59 -19.98
C ARG B 383 -4.00 6.09 -20.15
N VAL B 384 -4.22 5.35 -19.07
CA VAL B 384 -4.18 3.90 -19.09
C VAL B 384 -5.43 3.41 -18.36
N TYR B 385 -6.35 2.79 -19.10
CA TYR B 385 -7.56 2.21 -18.54
C TYR B 385 -7.34 0.71 -18.37
N VAL B 386 -7.44 0.23 -17.14
CA VAL B 386 -7.31 -1.18 -16.83
C VAL B 386 -8.62 -1.65 -16.21
N LEU B 387 -9.22 -2.67 -16.82
CA LEU B 387 -10.47 -3.25 -16.34
C LEU B 387 -10.25 -4.73 -16.08
N LEU B 388 -10.51 -5.16 -14.87
CA LEU B 388 -10.33 -6.53 -14.43
C LEU B 388 -11.60 -7.01 -13.77
N PRO B 389 -11.78 -8.33 -13.63
CA PRO B 389 -12.88 -8.82 -12.80
C PRO B 389 -12.63 -8.44 -11.34
N LEU B 390 -13.68 -7.97 -10.68
CA LEU B 390 -13.58 -7.59 -9.26
C LEU B 390 -13.13 -8.77 -8.40
N LEU B 391 -13.35 -10.00 -8.86
CA LEU B 391 -12.86 -11.19 -8.21
C LEU B 391 -12.49 -12.20 -9.28
N PRO B 392 -11.50 -13.06 -9.04
CA PRO B 392 -11.18 -14.11 -10.01
C PRO B 392 -12.29 -15.13 -10.10
N GLY B 393 -12.31 -15.84 -11.23
CA GLY B 393 -13.38 -16.79 -11.49
C GLY B 393 -13.15 -18.18 -10.91
N PHE B 394 -13.09 -18.27 -9.58
CA PHE B 394 -12.95 -19.54 -8.90
C PHE B 394 -14.03 -19.67 -7.85
N GLU B 395 -14.41 -20.92 -7.56
CA GLU B 395 -15.40 -21.17 -6.52
C GLU B 395 -14.82 -20.78 -5.17
N GLY B 396 -15.51 -19.90 -4.45
CA GLY B 396 -15.06 -19.48 -3.15
C GLY B 396 -16.12 -18.64 -2.46
N ASP B 397 -15.98 -18.54 -1.15
CA ASP B 397 -16.87 -17.74 -0.31
C ASP B 397 -16.16 -16.45 0.04
N ILE B 398 -16.50 -15.37 -0.66
CA ILE B 398 -15.86 -14.08 -0.41
C ILE B 398 -16.18 -13.58 0.98
N SER B 399 -17.32 -13.99 1.55
CA SER B 399 -17.66 -13.58 2.92
C SER B 399 -16.66 -14.14 3.92
N THR B 400 -16.23 -15.39 3.72
CA THR B 400 -15.15 -15.98 4.51
C THR B 400 -13.81 -15.35 4.18
N GLY B 401 -13.72 -14.59 3.09
CA GLY B 401 -12.47 -14.03 2.61
C GLY B 401 -11.96 -14.65 1.35
N GLY B 402 -12.76 -15.50 0.69
CA GLY B 402 -12.28 -16.28 -0.42
C GLY B 402 -11.48 -17.47 0.06
N GLY B 403 -11.20 -18.37 -0.88
CA GLY B 403 -10.50 -19.60 -0.56
C GLY B 403 -9.04 -19.56 -0.98
N ASN B 404 -8.41 -20.72 -0.83
CA ASN B 404 -7.17 -21.10 -1.49
C ASN B 404 -6.88 -20.28 -2.75
N SER B 405 -7.78 -20.37 -3.73
CA SER B 405 -7.47 -19.94 -5.09
C SER B 405 -7.73 -18.46 -5.32
N ILE B 406 -8.71 -17.87 -4.64
CA ILE B 406 -9.03 -16.47 -4.89
C ILE B 406 -7.97 -15.56 -4.29
N GLN B 407 -7.55 -15.85 -3.06
CA GLN B 407 -6.57 -14.98 -2.40
C GLN B 407 -5.21 -15.05 -3.07
N ALA B 408 -4.83 -16.22 -3.58
CA ALA B 408 -3.57 -16.34 -4.31
C ALA B 408 -3.56 -15.42 -5.53
N ILE B 409 -4.63 -15.44 -6.32
CA ILE B 409 -4.72 -14.55 -7.47
C ILE B 409 -4.79 -13.09 -7.02
N LEU B 410 -5.50 -12.83 -5.92
CA LEU B 410 -5.61 -11.46 -5.42
C LEU B 410 -4.24 -10.91 -5.04
N HIS B 411 -3.41 -11.73 -4.39
CA HIS B 411 -2.09 -11.28 -3.98
C HIS B 411 -1.27 -10.80 -5.17
N PHE B 412 -1.17 -11.64 -6.21
CA PHE B 412 -0.41 -11.26 -7.38
C PHE B 412 -1.10 -10.14 -8.17
N THR B 413 -2.42 -10.03 -8.05
CA THR B 413 -3.12 -8.89 -8.63
C THR B 413 -2.73 -7.61 -7.91
N TYR B 414 -2.79 -7.62 -6.58
CA TYR B 414 -2.44 -6.43 -5.82
C TYR B 414 -0.94 -6.19 -5.81
N ARG B 415 -0.14 -7.24 -5.96
CA ARG B 415 1.31 -7.06 -6.11
C ARG B 415 1.62 -6.30 -7.39
N THR B 416 0.91 -6.61 -8.48
CA THR B 416 1.12 -5.90 -9.74
C THR B 416 0.61 -4.47 -9.65
N LEU B 417 -0.51 -4.26 -8.96
CA LEU B 417 -1.23 -2.99 -9.00
C LEU B 417 -0.67 -1.97 -8.00
N CYS B 418 -0.65 -2.30 -6.71
CA CYS B 418 -0.43 -1.27 -5.71
C CYS B 418 0.19 -1.75 -4.40
N ARG B 419 0.76 -2.95 -4.33
CA ARG B 419 1.25 -3.48 -3.06
C ARG B 419 2.65 -4.06 -3.24
N GLY B 420 3.66 -3.24 -3.00
CA GLY B 420 5.03 -3.71 -2.95
C GLY B 420 5.96 -2.81 -3.73
N GLU B 421 7.25 -3.17 -3.67
CA GLU B 421 8.28 -2.40 -4.35
C GLU B 421 8.10 -2.43 -5.86
N TYR B 422 7.61 -3.56 -6.40
CA TYR B 422 7.46 -3.72 -7.84
C TYR B 422 6.09 -3.25 -8.35
N SER B 423 5.18 -2.86 -7.47
CA SER B 423 3.84 -2.49 -7.90
C SER B 423 3.87 -1.26 -8.81
N ILE B 424 2.89 -1.21 -9.71
CA ILE B 424 2.80 -0.09 -10.65
C ILE B 424 2.65 1.23 -9.91
N LEU B 425 1.71 1.28 -8.96
CA LEU B 425 1.38 2.55 -8.32
C LEU B 425 2.52 3.03 -7.42
N HIS B 426 3.19 2.10 -6.73
CA HIS B 426 4.31 2.48 -5.88
C HIS B 426 5.41 3.13 -6.70
N ARG B 427 5.76 2.51 -7.83
CA ARG B 427 6.77 3.10 -8.71
C ARG B 427 6.27 4.39 -9.33
N LEU B 428 4.97 4.51 -9.59
CA LEU B 428 4.43 5.77 -10.09
C LEU B 428 4.47 6.85 -9.01
N LYS B 429 3.96 6.53 -7.82
CA LYS B 429 3.93 7.51 -6.73
C LYS B 429 5.33 8.04 -6.41
N ALA B 430 6.36 7.21 -6.58
CA ALA B 430 7.72 7.64 -6.27
C ALA B 430 8.19 8.75 -7.19
N ALA B 431 7.63 8.84 -8.40
CA ALA B 431 8.06 9.84 -9.37
C ALA B 431 7.10 11.01 -9.50
N MET B 432 5.84 10.85 -9.09
CA MET B 432 4.85 11.91 -9.25
C MET B 432 3.94 12.10 -8.05
N GLY B 433 4.00 11.22 -7.03
CA GLY B 433 3.14 11.37 -5.87
C GLY B 433 1.69 11.04 -6.15
N THR B 434 0.81 11.99 -5.92
CA THR B 434 -0.63 11.77 -6.14
C THR B 434 -1.04 11.99 -7.59
N ALA B 435 -0.14 12.45 -8.45
CA ALA B 435 -0.47 12.67 -9.85
C ALA B 435 -0.66 11.37 -10.63
N TRP B 436 -0.42 10.22 -10.01
CA TRP B 436 -0.64 8.96 -10.70
C TRP B 436 -2.10 8.77 -11.08
N ARG B 437 -3.02 9.35 -10.32
CA ARG B 437 -4.44 9.23 -10.62
C ARG B 437 -4.82 9.95 -11.92
N ASP B 438 -3.95 10.78 -12.46
CA ASP B 438 -4.18 11.47 -13.72
C ASP B 438 -3.76 10.64 -14.93
N TYR B 439 -3.16 9.47 -14.71
CA TYR B 439 -2.57 8.69 -15.79
C TYR B 439 -3.11 7.27 -15.88
N ILE B 440 -3.48 6.66 -14.77
CA ILE B 440 -3.99 5.29 -14.77
C ILE B 440 -5.25 5.21 -13.92
N SER B 441 -6.17 4.36 -14.35
CA SER B 441 -7.39 4.10 -13.59
C SER B 441 -7.68 2.61 -13.66
N ILE B 442 -7.95 2.01 -12.50
CA ILE B 442 -8.13 0.58 -12.36
C ILE B 442 -9.57 0.34 -11.92
N CYS B 443 -10.34 -0.36 -12.74
CA CYS B 443 -11.78 -0.46 -12.53
C CYS B 443 -12.25 -1.90 -12.72
N GLY B 444 -13.43 -2.18 -12.18
CA GLY B 444 -14.11 -3.43 -12.41
C GLY B 444 -15.50 -3.18 -12.95
N LEU B 445 -16.32 -4.23 -13.05
CA LEU B 445 -17.68 -4.11 -13.56
C LEU B 445 -18.65 -4.73 -12.58
N ARG B 446 -19.82 -4.12 -12.44
CA ARG B 446 -20.85 -4.62 -11.55
C ARG B 446 -22.21 -4.17 -12.05
N THR B 447 -23.19 -5.06 -12.01
CA THR B 447 -24.56 -4.77 -12.38
C THR B 447 -25.49 -5.19 -11.25
N HIS B 448 -26.76 -4.80 -11.37
CA HIS B 448 -27.77 -5.16 -10.39
C HIS B 448 -29.07 -5.51 -11.09
N GLY B 449 -29.87 -6.35 -10.44
CA GLY B 449 -31.15 -6.77 -10.97
C GLY B 449 -32.18 -7.00 -9.88
N GLU B 450 -33.22 -7.78 -10.16
CA GLU B 450 -34.29 -8.03 -9.21
C GLU B 450 -34.57 -9.53 -9.15
N LEU B 451 -34.40 -10.12 -7.97
CA LEU B 451 -34.68 -11.54 -7.76
C LEU B 451 -35.18 -11.73 -6.35
N GLY B 452 -36.37 -12.32 -6.22
CA GLY B 452 -36.96 -12.52 -4.91
C GLY B 452 -37.67 -11.33 -4.34
N GLY B 453 -38.12 -10.41 -5.20
CA GLY B 453 -38.81 -9.21 -4.76
C GLY B 453 -37.93 -8.11 -4.22
N HIS B 454 -36.61 -8.29 -4.24
CA HIS B 454 -35.66 -7.31 -3.73
C HIS B 454 -34.50 -7.23 -4.72
N PRO B 455 -33.75 -6.12 -4.71
CA PRO B 455 -32.63 -5.99 -5.64
C PRO B 455 -31.51 -6.96 -5.31
N VAL B 456 -30.83 -7.41 -6.36
CA VAL B 456 -29.67 -8.28 -6.24
C VAL B 456 -28.54 -7.69 -7.09
N SER B 457 -27.30 -8.00 -6.71
CA SER B 457 -26.14 -7.47 -7.40
C SER B 457 -25.07 -8.55 -7.53
N GLU B 458 -24.30 -8.46 -8.61
CA GLU B 458 -23.20 -9.39 -8.86
C GLU B 458 -22.31 -8.80 -9.94
N LEU B 459 -21.00 -9.02 -9.80
CA LEU B 459 -20.03 -8.46 -10.72
C LEU B 459 -20.14 -9.09 -12.10
N ILE B 460 -19.81 -8.31 -13.13
CA ILE B 460 -19.75 -8.80 -14.50
C ILE B 460 -18.36 -9.36 -14.71
N TYR B 461 -18.25 -10.69 -14.71
CA TYR B 461 -16.93 -11.33 -14.78
C TYR B 461 -16.22 -10.99 -16.08
N ILE B 462 -15.12 -10.25 -15.98
CA ILE B 462 -14.35 -9.83 -17.15
C ILE B 462 -13.39 -10.95 -17.52
N HIS B 463 -13.66 -11.63 -18.63
CA HIS B 463 -12.79 -12.68 -19.13
C HIS B 463 -12.04 -12.26 -20.38
N SER B 464 -12.23 -11.01 -20.83
CA SER B 464 -11.60 -10.55 -22.06
C SER B 464 -10.08 -10.62 -21.96
N LYS B 465 -9.43 -10.54 -23.13
CA LYS B 465 -7.99 -10.49 -23.23
C LYS B 465 -7.63 -9.52 -24.35
N VAL B 466 -8.05 -8.27 -24.20
CA VAL B 466 -7.98 -7.28 -25.26
C VAL B 466 -7.18 -6.07 -24.79
N LEU B 467 -6.47 -5.45 -25.74
CA LEU B 467 -5.74 -4.21 -25.52
C LEU B 467 -6.02 -3.29 -26.69
N ILE B 468 -6.32 -2.02 -26.40
CA ILE B 468 -6.49 -1.00 -27.42
C ILE B 468 -5.47 0.11 -27.16
N ALA B 469 -4.89 0.64 -28.23
CA ALA B 469 -3.81 1.62 -28.14
C ALA B 469 -4.05 2.73 -29.14
N ASP B 470 -4.22 3.96 -28.63
CA ASP B 470 -4.26 5.18 -29.42
C ASP B 470 -5.32 5.15 -30.50
N ASP B 471 -6.40 4.39 -30.29
CA ASP B 471 -7.50 4.27 -31.24
C ASP B 471 -7.03 3.82 -32.61
N ARG B 472 -5.91 3.10 -32.66
CA ARG B 472 -5.36 2.62 -33.92
C ARG B 472 -4.88 1.17 -33.88
N THR B 473 -4.69 0.58 -32.70
CA THR B 473 -4.13 -0.76 -32.59
C THR B 473 -4.93 -1.55 -31.56
N VAL B 474 -5.27 -2.80 -31.91
CA VAL B 474 -6.06 -3.66 -31.04
C VAL B 474 -5.39 -5.03 -30.99
N ILE B 475 -5.27 -5.58 -29.79
CA ILE B 475 -4.81 -6.95 -29.58
C ILE B 475 -5.97 -7.75 -29.03
N ILE B 476 -6.32 -8.85 -29.69
CA ILE B 476 -7.39 -9.73 -29.24
C ILE B 476 -6.87 -11.16 -29.29
N GLY B 477 -7.05 -11.88 -28.20
CA GLY B 477 -6.63 -13.27 -28.16
C GLY B 477 -7.10 -13.96 -26.91
N SER B 478 -6.42 -15.06 -26.60
CA SER B 478 -6.73 -15.87 -25.43
C SER B 478 -5.73 -15.68 -24.30
N ALA B 479 -4.74 -14.81 -24.49
CA ALA B 479 -3.65 -14.68 -23.53
C ALA B 479 -4.05 -13.72 -22.41
N ASN B 480 -4.00 -14.22 -21.17
CA ASN B 480 -4.09 -13.34 -20.02
C ASN B 480 -2.76 -12.62 -19.83
N ILE B 481 -2.79 -11.55 -19.04
CA ILE B 481 -1.57 -10.80 -18.72
C ILE B 481 -0.96 -11.48 -17.50
N ASN B 482 -0.19 -12.54 -17.77
CA ASN B 482 0.54 -13.26 -16.73
C ASN B 482 1.60 -14.11 -17.41
N ASP B 483 2.52 -14.64 -16.58
CA ASP B 483 3.59 -15.48 -17.11
C ASP B 483 3.05 -16.75 -17.76
N ARG B 484 1.87 -17.21 -17.32
CA ARG B 484 1.31 -18.44 -17.85
C ARG B 484 0.96 -18.31 -19.32
N SER B 485 0.43 -17.16 -19.73
CA SER B 485 -0.03 -16.97 -21.10
C SER B 485 1.00 -16.28 -21.99
N LEU B 486 1.98 -15.59 -21.42
CA LEU B 486 2.87 -14.72 -22.19
C LEU B 486 4.28 -15.24 -22.36
N LEU B 487 4.77 -16.07 -21.43
CA LEU B 487 6.15 -16.56 -21.54
C LEU B 487 6.34 -17.53 -22.70
N GLY B 488 5.27 -18.05 -23.28
CA GLY B 488 5.39 -19.00 -24.37
C GLY B 488 5.74 -20.39 -23.91
N LYS B 489 6.60 -20.50 -22.89
CA LYS B 489 7.05 -21.78 -22.38
C LYS B 489 5.96 -22.52 -21.61
N ARG B 490 4.84 -21.88 -21.33
CA ARG B 490 3.80 -22.48 -20.49
C ARG B 490 2.54 -22.73 -21.29
N ASP B 491 1.47 -21.99 -21.00
CA ASP B 491 0.21 -22.18 -21.71
C ASP B 491 0.34 -21.81 -23.18
N SER B 492 -0.27 -22.61 -24.04
CA SER B 492 -0.34 -22.28 -25.46
C SER B 492 -1.48 -21.29 -25.68
N GLU B 493 -1.17 -20.18 -26.35
CA GLU B 493 -2.13 -19.11 -26.55
C GLU B 493 -2.14 -18.67 -28.01
N LEU B 494 -3.17 -17.93 -28.37
CA LEU B 494 -3.29 -17.35 -29.70
C LEU B 494 -3.81 -15.92 -29.58
N ALA B 495 -3.44 -15.09 -30.55
CA ALA B 495 -3.88 -13.71 -30.57
C ALA B 495 -3.65 -13.13 -31.95
N VAL B 496 -4.29 -12.00 -32.21
CA VAL B 496 -4.13 -11.26 -33.45
C VAL B 496 -3.83 -9.80 -33.13
N LEU B 497 -2.85 -9.23 -33.82
CA LEU B 497 -2.53 -7.82 -33.71
C LEU B 497 -3.20 -7.09 -34.86
N ILE B 498 -4.23 -6.31 -34.57
CA ILE B 498 -5.02 -5.65 -35.59
C ILE B 498 -4.65 -4.17 -35.60
N GLU B 499 -4.01 -3.74 -36.68
CA GLU B 499 -3.66 -2.35 -36.90
C GLU B 499 -4.52 -1.80 -38.04
N ASP B 500 -5.05 -0.60 -37.85
CA ASP B 500 -5.96 -0.03 -38.83
C ASP B 500 -5.20 0.63 -39.97
N THR B 501 -5.67 0.38 -41.20
CA THR B 501 -5.19 1.09 -42.37
C THR B 501 -6.19 2.12 -42.87
N GLU B 502 -7.42 2.11 -42.35
CA GLU B 502 -8.42 3.14 -42.64
C GLU B 502 -8.71 3.93 -41.38
N THR B 503 -8.90 5.24 -41.55
CA THR B 503 -9.13 6.12 -40.42
C THR B 503 -10.40 6.93 -40.63
N GLU B 504 -10.91 7.49 -39.53
CA GLU B 504 -12.06 8.37 -39.54
C GLU B 504 -11.80 9.50 -38.56
N PRO B 505 -12.38 10.68 -38.79
CA PRO B 505 -12.09 11.84 -37.93
C PRO B 505 -12.58 11.63 -36.51
N SER B 506 -11.68 11.80 -35.56
CA SER B 506 -12.01 11.70 -34.13
C SER B 506 -11.28 12.82 -33.40
N LEU B 507 -11.09 12.66 -32.09
CA LEU B 507 -10.42 13.64 -31.26
C LEU B 507 -9.43 12.94 -30.34
N MET B 508 -8.33 13.63 -30.05
CA MET B 508 -7.31 13.13 -29.13
C MET B 508 -6.80 14.31 -28.31
N ASN B 509 -7.35 14.45 -27.10
CA ASN B 509 -7.06 15.58 -26.22
C ASN B 509 -7.41 16.90 -26.89
N GLY B 510 -8.62 16.96 -27.47
CA GLY B 510 -9.13 18.17 -28.06
C GLY B 510 -8.63 18.49 -29.45
N ALA B 511 -7.69 17.71 -29.99
CA ALA B 511 -7.13 17.96 -31.31
C ALA B 511 -7.70 16.96 -32.32
N GLU B 512 -7.77 17.41 -33.57
CA GLU B 512 -8.22 16.54 -34.65
C GLU B 512 -7.31 15.34 -34.77
N TYR B 513 -7.89 14.15 -34.88
CA TYR B 513 -7.13 12.91 -34.85
C TYR B 513 -7.79 11.88 -35.75
N GLN B 514 -7.02 11.31 -36.66
CA GLN B 514 -7.51 10.26 -37.55
C GLN B 514 -7.39 8.92 -36.84
N ALA B 515 -8.50 8.44 -36.30
CA ALA B 515 -8.53 7.20 -35.54
C ALA B 515 -8.93 6.03 -36.44
N GLY B 516 -8.40 4.85 -36.11
CA GLY B 516 -8.69 3.67 -36.89
C GLY B 516 -10.14 3.22 -36.72
N ARG B 517 -10.76 2.82 -37.84
CA ARG B 517 -12.18 2.47 -37.84
C ARG B 517 -12.44 1.24 -36.99
N PHE B 518 -11.56 0.24 -37.06
CA PHE B 518 -11.75 -0.97 -36.27
C PHE B 518 -11.48 -0.70 -34.80
N ALA B 519 -10.47 0.09 -34.50
CA ALA B 519 -10.10 0.35 -33.11
C ALA B 519 -11.06 1.34 -32.45
N LEU B 520 -11.41 2.42 -33.15
CA LEU B 520 -12.30 3.41 -32.58
C LEU B 520 -13.68 2.83 -32.28
N SER B 521 -14.21 2.03 -33.20
CA SER B 521 -15.54 1.46 -32.99
C SER B 521 -15.56 0.46 -31.84
N LEU B 522 -14.47 -0.31 -31.67
CA LEU B 522 -14.42 -1.24 -30.54
C LEU B 522 -14.36 -0.50 -29.22
N ARG B 523 -13.48 0.51 -29.12
CA ARG B 523 -13.34 1.24 -27.87
C ARG B 523 -14.62 1.99 -27.52
N LYS B 524 -15.19 2.70 -28.49
CA LYS B 524 -16.45 3.39 -28.25
C LYS B 524 -17.55 2.43 -27.83
N HIS B 525 -17.49 1.18 -28.29
CA HIS B 525 -18.47 0.20 -27.87
C HIS B 525 -18.23 -0.23 -26.42
N CYS B 526 -16.97 -0.54 -26.08
CA CYS B 526 -16.66 -0.87 -24.69
C CYS B 526 -17.04 0.27 -23.76
N PHE B 527 -16.76 1.51 -24.17
CA PHE B 527 -17.04 2.66 -23.31
C PHE B 527 -18.54 2.87 -23.13
N GLY B 528 -19.31 2.69 -24.20
CA GLY B 528 -20.74 2.95 -24.11
C GLY B 528 -21.46 2.01 -23.17
N VAL B 529 -21.13 0.72 -23.25
CA VAL B 529 -21.74 -0.29 -22.39
C VAL B 529 -21.25 -0.15 -20.96
N ILE B 530 -19.99 0.25 -20.78
CA ILE B 530 -19.43 0.37 -19.44
C ILE B 530 -20.00 1.59 -18.73
N LEU B 531 -20.20 2.69 -19.46
CA LEU B 531 -20.73 3.91 -18.88
C LEU B 531 -22.25 4.01 -19.02
N GLY B 532 -22.87 3.20 -19.87
CA GLY B 532 -24.32 3.22 -20.03
C GLY B 532 -24.85 4.46 -20.72
N PRO B 537 -26.56 8.33 -21.81
CA PRO B 537 -27.09 8.68 -23.13
C PRO B 537 -26.63 10.07 -23.59
N ASP B 538 -25.98 10.78 -22.68
CA ASP B 538 -25.47 12.13 -22.90
C ASP B 538 -24.02 12.15 -23.34
N LEU B 539 -23.33 11.01 -23.25
CA LEU B 539 -21.87 11.01 -23.28
C LEU B 539 -21.32 11.23 -24.69
N ASP B 540 -20.14 11.85 -24.73
CA ASP B 540 -19.40 12.12 -25.96
C ASP B 540 -18.11 11.29 -25.90
N LEU B 541 -18.12 10.16 -26.60
CA LEU B 541 -17.00 9.21 -26.56
C LEU B 541 -15.96 9.47 -27.64
N ARG B 542 -15.98 10.64 -28.28
CA ARG B 542 -15.03 10.92 -29.35
C ARG B 542 -13.61 10.97 -28.83
N ASP B 543 -13.38 11.69 -27.74
CA ASP B 543 -12.05 11.87 -27.19
C ASP B 543 -11.87 10.96 -25.99
N PRO B 544 -10.90 10.05 -26.00
CA PRO B 544 -10.71 9.14 -24.88
C PRO B 544 -9.72 9.62 -23.82
N ILE B 545 -9.00 10.72 -24.06
CA ILE B 545 -8.01 11.21 -23.11
C ILE B 545 -8.28 12.65 -22.67
N CYS B 546 -9.38 13.25 -23.12
CA CYS B 546 -9.83 14.51 -22.58
C CYS B 546 -9.77 14.47 -21.05
N ASP B 547 -9.41 15.61 -20.46
CA ASP B 547 -9.49 15.71 -19.01
C ASP B 547 -10.94 15.65 -18.53
N ASP B 548 -11.87 16.15 -19.34
CA ASP B 548 -13.29 16.09 -18.98
C ASP B 548 -13.78 14.66 -18.88
N PHE B 549 -13.46 13.83 -19.89
CA PHE B 549 -13.95 12.46 -19.91
C PHE B 549 -13.23 11.59 -18.89
N PHE B 550 -11.93 11.81 -18.69
CA PHE B 550 -11.21 10.99 -17.72
C PHE B 550 -11.72 11.23 -16.30
N GLN B 551 -12.05 12.47 -15.97
CA GLN B 551 -12.73 12.72 -14.70
C GLN B 551 -14.14 12.16 -14.73
N LEU B 552 -14.83 12.27 -15.88
CA LEU B 552 -16.12 11.62 -16.06
C LEU B 552 -16.02 10.12 -15.81
N TRP B 553 -14.96 9.51 -16.34
CA TRP B 553 -14.73 8.08 -16.10
C TRP B 553 -14.47 7.81 -14.62
N GLN B 554 -13.67 8.66 -13.99
CA GLN B 554 -13.33 8.43 -12.58
C GLN B 554 -14.52 8.71 -11.67
N ASP B 555 -15.27 9.78 -11.95
CA ASP B 555 -16.41 10.12 -11.09
C ASP B 555 -17.48 9.06 -11.14
N MET B 556 -17.70 8.46 -12.31
CA MET B 556 -18.71 7.39 -12.43
C MET B 556 -18.28 6.15 -11.65
N ALA B 557 -17.03 5.74 -11.82
CA ALA B 557 -16.56 4.54 -11.14
C ALA B 557 -16.54 4.71 -9.63
N GLU B 558 -16.30 5.94 -9.15
CA GLU B 558 -16.32 6.19 -7.71
C GLU B 558 -17.74 6.27 -7.18
N SER B 559 -18.64 6.91 -7.94
CA SER B 559 -20.03 7.04 -7.50
C SER B 559 -20.72 5.68 -7.52
N ASN B 560 -20.56 4.92 -8.61
CA ASN B 560 -21.18 3.60 -8.69
C ASN B 560 -20.66 2.69 -7.58
N ALA B 561 -19.34 2.65 -7.38
CA ALA B 561 -18.78 1.85 -6.30
C ALA B 561 -19.30 2.30 -4.94
N ASN B 562 -19.63 3.59 -4.80
CA ASN B 562 -20.16 4.07 -3.54
C ASN B 562 -21.60 3.63 -3.34
N ILE B 563 -22.44 3.72 -4.37
CA ILE B 563 -23.84 3.32 -4.25
C ILE B 563 -23.94 1.83 -3.99
N TYR B 564 -23.14 1.02 -4.68
CA TYR B 564 -23.20 -0.42 -4.48
C TYR B 564 -22.77 -0.82 -3.08
N GLU B 565 -21.82 -0.08 -2.49
CA GLU B 565 -21.40 -0.40 -1.13
C GLU B 565 -22.50 -0.07 -0.12
N GLN B 566 -23.20 1.05 -0.32
CA GLN B 566 -24.24 1.43 0.63
C GLN B 566 -25.49 0.57 0.50
N ILE B 567 -25.81 0.12 -0.71
CA ILE B 567 -27.05 -0.61 -0.96
C ILE B 567 -26.87 -2.10 -0.74
N PHE B 568 -25.82 -2.70 -1.30
CA PHE B 568 -25.63 -4.14 -1.25
C PHE B 568 -24.57 -4.59 -0.26
N ARG B 569 -23.69 -3.68 0.19
CA ARG B 569 -22.55 -4.05 1.03
C ARG B 569 -21.72 -5.15 0.37
N CYS B 570 -21.62 -5.09 -0.96
CA CYS B 570 -20.95 -6.14 -1.70
C CYS B 570 -19.45 -6.11 -1.44
N LEU B 571 -18.80 -7.20 -1.81
CA LEU B 571 -17.36 -7.39 -1.66
C LEU B 571 -16.78 -7.89 -2.97
N PRO B 572 -15.54 -7.51 -3.30
CA PRO B 572 -14.61 -6.71 -2.49
C PRO B 572 -14.94 -5.22 -2.43
N SER B 573 -14.49 -4.56 -1.37
CA SER B 573 -14.65 -3.13 -1.21
C SER B 573 -13.53 -2.60 -0.33
N ASN B 574 -13.43 -1.28 -0.25
CA ASN B 574 -12.40 -0.65 0.56
C ASN B 574 -12.80 -0.52 2.03
N ALA B 575 -13.90 -1.16 2.44
CA ALA B 575 -14.34 -1.13 3.83
C ALA B 575 -13.78 -2.29 4.65
N THR B 576 -13.32 -3.36 4.00
CA THR B 576 -12.80 -4.53 4.68
C THR B 576 -11.32 -4.69 4.33
N ARG B 577 -10.45 -4.38 5.30
CA ARG B 577 -9.01 -4.53 5.13
C ARG B 577 -8.42 -5.63 6.00
N SER B 578 -9.25 -6.29 6.83
CA SER B 578 -8.81 -7.38 7.67
C SER B 578 -9.78 -8.54 7.53
N LEU B 579 -9.32 -9.75 7.87
CA LEU B 579 -10.27 -10.84 8.09
C LEU B 579 -11.12 -10.57 9.33
N ARG B 580 -10.57 -9.83 10.29
CA ARG B 580 -11.35 -9.43 11.47
C ARG B 580 -12.44 -8.43 11.08
N THR B 581 -12.06 -7.39 10.35
CA THR B 581 -13.05 -6.40 9.91
C THR B 581 -14.06 -7.03 8.95
N LEU B 582 -13.59 -7.88 8.05
CA LEU B 582 -14.49 -8.52 7.09
C LEU B 582 -15.50 -9.41 7.79
N ARG B 583 -15.08 -10.10 8.85
CA ARG B 583 -15.99 -10.98 9.57
C ARG B 583 -17.09 -10.22 10.28
N GLU B 584 -16.75 -9.05 10.83
CA GLU B 584 -17.77 -8.20 11.44
C GLU B 584 -18.52 -7.37 10.42
N TYR B 585 -18.03 -7.30 9.18
CA TYR B 585 -18.75 -6.55 8.14
C TYR B 585 -19.88 -7.38 7.55
N VAL B 586 -19.64 -8.67 7.29
CA VAL B 586 -20.64 -9.52 6.65
C VAL B 586 -21.84 -9.77 7.55
N ALA B 587 -21.67 -9.67 8.87
CA ALA B 587 -22.76 -9.92 9.80
C ALA B 587 -23.86 -8.85 9.75
N VAL B 588 -23.72 -7.85 8.89
CA VAL B 588 -24.70 -6.79 8.74
C VAL B 588 -25.51 -7.05 7.49
N GLU B 589 -26.84 -6.95 7.60
CA GLU B 589 -27.70 -7.16 6.46
C GLU B 589 -27.82 -5.88 5.64
N PRO B 590 -27.56 -5.93 4.33
CA PRO B 590 -27.53 -4.69 3.53
C PRO B 590 -28.93 -4.12 3.31
N LEU B 591 -28.95 -2.94 2.69
CA LEU B 591 -30.19 -2.20 2.49
C LEU B 591 -31.07 -2.81 1.41
N ALA B 592 -30.51 -3.64 0.52
CA ALA B 592 -31.33 -4.30 -0.49
C ALA B 592 -32.32 -5.27 0.16
N THR B 593 -31.85 -6.09 1.09
CA THR B 593 -32.75 -6.98 1.79
C THR B 593 -33.62 -6.22 2.79
N VAL B 594 -33.15 -5.09 3.30
CA VAL B 594 -33.83 -4.43 4.41
C VAL B 594 -35.05 -3.65 3.92
N SER B 595 -34.84 -2.70 3.01
CA SER B 595 -35.91 -1.89 2.43
C SER B 595 -35.81 -2.00 0.92
N PRO B 596 -36.39 -3.04 0.33
CA PRO B 596 -36.34 -3.21 -1.12
C PRO B 596 -36.89 -1.99 -1.88
N PRO B 597 -38.00 -1.38 -1.43
CA PRO B 597 -38.48 -0.19 -2.17
C PRO B 597 -37.47 0.96 -2.19
N LEU B 598 -36.76 1.18 -1.09
CA LEU B 598 -35.82 2.29 -1.02
C LEU B 598 -34.48 1.96 -1.69
N ALA B 599 -34.05 0.70 -1.61
CA ALA B 599 -32.84 0.30 -2.31
C ALA B 599 -32.99 0.50 -3.82
N ARG B 600 -34.18 0.21 -4.35
CA ARG B 600 -34.44 0.49 -5.76
C ARG B 600 -34.35 1.98 -6.04
N SER B 601 -34.91 2.81 -5.15
CA SER B 601 -35.00 4.24 -5.41
C SER B 601 -33.63 4.91 -5.41
N GLU B 602 -32.63 4.33 -4.74
CA GLU B 602 -31.31 4.91 -4.76
C GLU B 602 -30.37 4.20 -5.74
N LEU B 603 -30.75 2.99 -6.19
CA LEU B 603 -30.08 2.37 -7.32
C LEU B 603 -30.37 3.09 -8.63
N THR B 604 -31.35 4.01 -8.64
CA THR B 604 -31.59 4.80 -9.84
C THR B 604 -30.40 5.68 -10.20
N GLN B 605 -29.55 6.02 -9.23
CA GLN B 605 -28.42 6.91 -9.46
C GLN B 605 -27.22 6.20 -10.07
N VAL B 606 -27.22 4.87 -10.11
CA VAL B 606 -26.12 4.14 -10.72
C VAL B 606 -26.19 4.30 -12.23
N GLN B 607 -25.06 4.66 -12.84
CA GLN B 607 -24.98 4.86 -14.28
C GLN B 607 -23.90 3.94 -14.84
N GLY B 608 -24.31 2.95 -15.62
CA GLY B 608 -23.38 2.02 -16.20
C GLY B 608 -23.04 0.87 -15.27
N HIS B 609 -21.91 0.23 -15.56
CA HIS B 609 -21.39 -0.87 -14.77
C HIS B 609 -20.02 -0.57 -14.17
N LEU B 610 -19.46 0.60 -14.45
CA LEU B 610 -18.09 0.90 -14.06
C LEU B 610 -18.01 1.17 -12.56
N VAL B 611 -17.14 0.43 -11.87
CA VAL B 611 -16.82 0.69 -10.47
C VAL B 611 -15.30 0.66 -10.33
N HIS B 612 -14.79 1.48 -9.42
CA HIS B 612 -13.35 1.51 -9.16
C HIS B 612 -12.91 0.22 -8.49
N PHE B 613 -11.72 -0.24 -8.86
CA PHE B 613 -11.20 -1.48 -8.31
C PHE B 613 -10.77 -1.25 -6.86
N PRO B 614 -11.20 -2.11 -5.92
CA PRO B 614 -10.84 -1.89 -4.51
C PRO B 614 -9.39 -2.23 -4.23
N LEU B 615 -8.55 -1.21 -4.04
CA LEU B 615 -7.12 -1.43 -3.84
C LEU B 615 -6.75 -1.74 -2.40
N LYS B 616 -7.56 -1.31 -1.44
CA LYS B 616 -7.28 -1.54 -0.02
C LYS B 616 -8.08 -2.73 0.53
N PHE B 617 -8.70 -3.53 -0.33
CA PHE B 617 -9.45 -4.69 0.11
C PHE B 617 -8.50 -5.73 0.71
N LEU B 618 -8.70 -6.04 2.00
CA LEU B 618 -7.91 -7.04 2.70
C LEU B 618 -6.41 -6.75 2.60
N GLU B 619 -6.05 -5.46 2.69
CA GLU B 619 -4.67 -5.03 2.50
C GLU B 619 -3.81 -5.20 3.74
N ASP B 620 -4.26 -5.97 4.74
CA ASP B 620 -3.51 -6.16 5.98
C ASP B 620 -3.14 -7.63 6.20
N GLU B 621 -3.07 -8.43 5.14
CA GLU B 621 -2.81 -9.86 5.33
C GLU B 621 -1.90 -10.39 4.22
N SER B 622 -1.49 -11.65 4.41
CA SER B 622 -0.51 -12.27 3.52
C SER B 622 -1.11 -12.59 2.16
N LEU B 623 -2.34 -13.14 2.15
CA LEU B 623 -3.07 -13.51 0.94
C LEU B 623 -2.48 -14.74 0.25
N LEU B 624 -1.24 -15.11 0.59
CA LEU B 624 -0.68 -16.32 -0.01
C LEU B 624 -0.86 -17.50 0.93
N PRO B 625 -1.40 -18.62 0.46
CA PRO B 625 -1.79 -19.70 1.37
C PRO B 625 -0.67 -20.70 1.57
N PRO B 626 -0.51 -21.24 2.80
CA PRO B 626 0.41 -22.33 3.09
C PRO B 626 -0.31 -23.67 3.17
N GLY B 632 0.69 -23.60 -0.49
CA GLY B 632 0.59 -25.02 -0.26
C GLY B 632 1.67 -25.82 -0.97
N MET B 633 1.33 -27.02 -1.41
CA MET B 633 2.28 -27.88 -2.09
C MET B 633 2.48 -27.47 -3.55
N ILE B 634 1.41 -27.01 -4.20
CA ILE B 634 1.49 -26.60 -5.60
C ILE B 634 2.41 -25.40 -5.73
N PRO B 635 3.23 -25.29 -6.79
CA PRO B 635 4.18 -24.19 -6.89
C PRO B 635 3.49 -22.84 -7.01
N LEU B 636 4.31 -21.78 -6.93
CA LEU B 636 3.81 -20.43 -7.10
C LEU B 636 3.58 -20.08 -8.56
N GLU B 637 4.30 -20.75 -9.48
CA GLU B 637 4.13 -20.50 -10.90
C GLU B 637 2.75 -20.89 -11.40
N VAL B 638 1.96 -21.61 -10.60
CA VAL B 638 0.61 -21.98 -11.00
C VAL B 638 -0.30 -20.75 -11.06
N TRP B 639 -0.10 -19.81 -10.14
CA TRP B 639 -0.91 -18.60 -10.10
C TRP B 639 -0.34 -17.49 -10.96
N THR B 640 0.98 -17.47 -11.16
CA THR B 640 1.59 -16.44 -11.99
C THR B 640 1.38 -16.76 -13.46
C17 MKA C . 6.36 21.50 13.19
C12 MKA C . 6.12 20.22 17.87
C13 MKA C . 7.29 19.57 17.18
C3 MKA C . 9.30 22.76 22.44
C1 MKA C . 7.97 21.72 20.68
C2 MKA C . 9.21 22.53 20.94
C11 MKA C . 6.53 20.60 19.27
N MKA C . 9.19 23.79 20.27
CA MKA C . 10.19 24.10 19.38
O MKA C . 7.23 16.80 16.33
CB MKA C . 10.06 25.42 18.79
CG1 MKA C . 8.90 26.13 18.93
CG2 MKA C . 11.14 25.92 18.10
CD1 MKA C . 8.82 27.38 18.36
C14 MKA C . 7.02 17.71 15.55
C15 MKA C . 6.76 19.78 14.69
C16 MKA C . 6.65 21.13 14.49
C18 MKA C . 6.20 20.58 12.17
C19 MKA C . 6.58 18.87 13.69
C20 MKA C . 6.30 19.22 12.40
C21 MKA C . 8.52 20.43 17.28
C22 MKA C . 8.80 20.68 18.73
C7 MKA C . 11.05 27.15 17.52
C8 MKA C . 9.89 27.88 17.65
F1 MKA C . 9.82 29.09 17.09
N1 MKA C . 7.70 21.46 19.28
N3 MKA C . 7.02 19.05 15.86
N4 MKA C . 6.75 17.59 14.20
O1 MKA C . 11.14 23.40 19.08
S SO4 D . 2.43 -15.17 32.56
O1 SO4 D . 2.87 -15.96 33.70
O2 SO4 D . 3.28 -13.99 32.41
O3 SO4 D . 2.52 -15.98 31.35
O4 SO4 D . 1.04 -14.75 32.76
S SO4 E . 10.73 21.81 -3.91
O1 SO4 E . 9.47 22.55 -3.82
O2 SO4 E . 11.85 22.75 -3.84
O3 SO4 E . 10.82 20.88 -2.79
O4 SO4 E . 10.78 21.07 -5.17
S SO4 F . 14.56 33.14 4.33
O1 SO4 F . 15.18 33.73 3.16
O2 SO4 F . 15.48 33.22 5.46
O3 SO4 F . 13.33 33.86 4.65
O4 SO4 F . 14.25 31.73 4.05
S SO4 G . 0.43 -14.55 19.51
O1 SO4 G . 1.76 -13.99 19.27
O2 SO4 G . -0.55 -13.46 19.60
O3 SO4 G . 0.42 -15.31 20.76
O4 SO4 G . 0.05 -15.44 18.41
S SO4 H . -13.69 3.58 34.59
O1 SO4 H . -12.98 4.63 33.87
O2 SO4 H . -12.75 2.80 35.38
O3 SO4 H . -14.37 2.70 33.63
O4 SO4 H . -14.68 4.18 35.48
S SO4 I . 2.63 20.45 14.60
O1 SO4 I . 1.44 21.27 14.41
O2 SO4 I . 3.65 21.24 15.31
O3 SO4 I . 3.16 20.04 13.31
O4 SO4 I . 2.30 19.26 15.39
S SO4 J . 15.76 -9.26 5.20
O1 SO4 J . 16.84 -8.93 4.26
O2 SO4 J . 14.89 -8.12 5.38
O3 SO4 J . 16.35 -9.63 6.50
O4 SO4 J . 14.99 -10.39 4.68
S SO4 K . 16.23 23.66 40.52
O1 SO4 K . 16.29 24.88 39.69
O2 SO4 K . 17.54 23.02 40.54
O3 SO4 K . 15.25 22.74 39.95
O4 SO4 K . 15.83 24.02 41.87
S SO4 L . 22.57 35.16 30.00
O1 SO4 L . 21.45 35.86 30.63
O2 SO4 L . 23.82 35.79 30.41
O3 SO4 L . 22.43 35.24 28.56
O4 SO4 L . 22.58 33.76 30.41
S SO4 M . -4.21 6.57 34.29
O1 SO4 M . -5.09 6.89 35.40
O2 SO4 M . -2.93 7.23 34.50
O3 SO4 M . -4.81 7.03 33.03
O4 SO4 M . -4.00 5.13 34.21
S SO4 N . 18.49 28.43 -0.01
O1 SO4 N . 18.13 29.31 -1.13
O2 SO4 N . 19.86 28.70 0.40
O3 SO4 N . 18.37 27.04 -0.43
O4 SO4 N . 17.57 28.67 1.09
S SO4 O . 23.73 26.62 24.58
O1 SO4 O . 24.12 26.65 25.99
O2 SO4 O . 23.22 27.92 24.15
O3 SO4 O . 22.76 25.57 24.32
O4 SO4 O . 24.89 26.30 23.76
C17 MKA P . -6.60 -23.50 -16.33
C12 MKA P . -9.16 -19.83 -15.04
C13 MKA P . -9.10 -19.77 -16.54
C3 MKA P . -15.18 -19.88 -15.39
C1 MKA P . -12.83 -19.96 -14.71
C2 MKA P . -13.91 -20.70 -15.45
C11 MKA P . -10.55 -19.47 -14.57
N MKA P . -14.15 -21.98 -14.87
CA MKA P . -14.42 -23.05 -15.69
O MKA P . -7.37 -18.16 -18.24
CB MKA P . -14.64 -24.29 -14.95
CG1 MKA P . -14.49 -24.28 -13.59
CG2 MKA P . -14.99 -25.41 -15.66
CD1 MKA P . -14.71 -25.45 -12.90
C14 MKA P . -7.06 -19.30 -17.90
C15 MKA P . -7.16 -21.33 -16.96
C16 MKA P . -7.51 -22.46 -16.26
C18 MKA P . -5.43 -23.40 -17.05
C19 MKA P . -6.00 -21.24 -17.66
C20 MKA P . -5.09 -22.25 -17.74
C21 MKA P . -10.21 -20.55 -17.19
C22 MKA P . -11.52 -20.07 -16.63
C7 MKA P . -15.21 -26.58 -14.97
C8 MKA P . -15.06 -26.59 -13.60
F1 MKA P . -15.27 -27.72 -12.92
N1 MKA P . -11.52 -20.36 -15.20
N3 MKA P . -7.83 -20.11 -17.10
N4 MKA P . -5.92 -19.97 -18.27
O1 MKA P . -14.50 -23.04 -16.91
S SO4 Q . -1.09 16.22 -26.08
O1 SO4 Q . -0.92 17.64 -26.38
O2 SO4 Q . -0.78 15.98 -24.67
O3 SO4 Q . -0.21 15.42 -26.91
O4 SO4 Q . -2.48 15.84 -26.34
S SO4 R . -2.65 8.77 -2.85
O1 SO4 R . -1.28 8.92 -3.32
O2 SO4 R . -2.74 9.28 -1.48
O3 SO4 R . -3.03 7.37 -2.88
O4 SO4 R . -3.53 9.57 -3.70
S SO4 S . -32.01 -8.80 -14.57
O1 SO4 S . -31.37 -7.59 -15.06
O2 SO4 S . -30.98 -9.71 -14.07
O3 SO4 S . -32.75 -9.44 -15.65
O4 SO4 S . -32.93 -8.47 -13.48
S SO4 T . 0.00 11.05 -38.14
O1 SO4 T . 0.73 12.23 -38.58
O2 SO4 T . -0.16 11.08 -36.68
O3 SO4 T . -1.32 11.04 -38.77
O4 SO4 T . 0.73 9.85 -38.53
S SO4 U . -17.72 -2.38 -5.57
O1 SO4 U . -18.25 -1.76 -4.36
O2 SO4 U . -16.47 -1.71 -5.96
O3 SO4 U . -18.69 -2.26 -6.65
O4 SO4 U . -17.45 -3.79 -5.32
S SO4 V . -5.22 -20.97 -12.94
O1 SO4 V . -4.61 -20.18 -14.02
O2 SO4 V . -4.74 -20.48 -11.66
O3 SO4 V . -4.86 -22.37 -13.11
O4 SO4 V . -6.67 -20.82 -13.01
S SO4 W . -30.95 -34.23 -36.72
O1 SO4 W . -29.71 -33.99 -37.46
O2 SO4 W . -30.69 -34.04 -35.29
O3 SO4 W . -31.98 -33.30 -37.15
O4 SO4 W . -31.39 -35.60 -36.96
S SO4 X . 8.00 -9.06 -41.70
O1 SO4 X . 9.43 -9.37 -41.90
O2 SO4 X . 7.81 -7.62 -41.81
O3 SO4 X . 7.59 -9.50 -40.38
O4 SO4 X . 7.21 -9.75 -42.72
S SO4 Y . -8.21 3.80 -9.29
O1 SO4 Y . -6.88 4.24 -9.67
O2 SO4 Y . -8.58 4.43 -8.03
O3 SO4 Y . -8.23 2.35 -9.16
O4 SO4 Y . -9.15 4.22 -10.34
S SO4 Z . 9.43 7.41 -27.99
O1 SO4 Z . 8.47 8.12 -28.83
O2 SO4 Z . 10.44 8.35 -27.50
O3 SO4 Z . 8.74 6.80 -26.86
O4 SO4 Z . 10.09 6.37 -28.78
S SO4 AA . -7.88 -39.92 -25.36
O1 SO4 AA . -6.87 -38.91 -25.09
O2 SO4 AA . -9.19 -39.44 -24.93
O3 SO4 AA . -7.56 -41.15 -24.64
O4 SO4 AA . -7.90 -40.21 -26.80
S SO4 BA . 2.11 14.64 -3.94
O1 SO4 BA . 3.25 15.46 -3.55
O2 SO4 BA . 0.88 15.17 -3.35
O3 SO4 BA . 2.31 13.27 -3.46
O4 SO4 BA . 1.98 14.63 -5.40
#